data_9JEN
#
_entry.id   9JEN
#
_cell.length_a   60.343
_cell.length_b   102.927
_cell.length_c   77.285
_cell.angle_alpha   90.00
_cell.angle_beta   110.04
_cell.angle_gamma   90.00
#
_symmetry.space_group_name_H-M   'P 1 21 1'
#
loop_
_entity.id
_entity.type
_entity.pdbx_description
1 polymer 'NodB homology domain-containing protein'
2 branched 2-acetamido-2-deoxy-beta-D-glucopyranose-(1-4)-2-amino-2-deoxy-beta-D-glucopyranose-(1-4)-2-acetamido-2-deoxy-beta-D-glucopyranose
3 non-polymer 'ACETATE ION'
4 non-polymer 'ZINC ION'
5 non-polymer 'SODIUM ION'
6 water water
#
_entity_poly.entity_id   1
_entity_poly.type   'polypeptide(L)'
_entity_poly.pdbx_seq_one_letter_code
;QTAPKGTIYLTFDDGPINASIDVINVLNEQGVKGTFYFNAWHLDGIGDENEDRALEALKLALDTGHVVANHSYAHMVHNC
VDEFGPTSGAECNATGDHQINAYQDPVYDASTFADNLVVFERYLPNINSYPNYFGEELARLPYTNGWRITKDFKADGLCA
TSDDLKPWEPGYVCDLDNPSNSVKASIEVQNILANKGYQTHGWDVDWSPENWGIPMPANSLTEAEAFLGYVDAALNSCAP
TTINPINSKAHGFPCGTPLHADKVVVLTHEFLYEDGKRGMGATQNLPKLAKFLRIAKEAGYVFDTIDNYTPVWQVGNAYA
AGDYVTHSGTVYKAVTAHIAQQDWAPSSTSSLWTNADPATNWTLNVSYEAGDVVTYQGLRYLVNVPHVSQADWTPNTQNT
LFTAL
;
_entity_poly.pdbx_strand_id   A,B
#
loop_
_chem_comp.id
_chem_comp.type
_chem_comp.name
_chem_comp.formula
ACT non-polymer 'ACETATE ION' 'C2 H3 O2 -1'
GCS D-saccharide, beta linking 2-amino-2-deoxy-beta-D-glucopyranose 'C6 H13 N O5'
NA non-polymer 'SODIUM ION' 'Na 1'
NAG D-saccharide, beta linking 2-acetamido-2-deoxy-beta-D-glucopyranose 'C8 H15 N O6'
ZN non-polymer 'ZINC ION' 'Zn 2'
#
# COMPACT_ATOMS: atom_id res chain seq x y z
N ALA A 3 18.71 -24.77 23.49
CA ALA A 3 17.77 -24.30 22.45
C ALA A 3 16.33 -24.68 22.82
N PRO A 4 15.38 -23.83 22.44
CA PRO A 4 14.00 -24.02 22.92
C PRO A 4 13.33 -25.25 22.33
N LYS A 5 12.37 -25.77 23.09
CA LYS A 5 11.55 -26.87 22.58
C LYS A 5 10.84 -26.45 21.29
N GLY A 6 10.56 -25.17 21.14
CA GLY A 6 9.88 -24.68 19.96
C GLY A 6 9.38 -23.27 20.21
N THR A 7 8.80 -22.71 19.17
CA THR A 7 8.30 -21.34 19.20
C THR A 7 6.80 -21.35 19.01
N ILE A 8 6.09 -20.70 19.93
CA ILE A 8 4.65 -20.55 19.85
C ILE A 8 4.34 -19.14 19.38
N TYR A 9 3.48 -19.02 18.38
CA TYR A 9 2.98 -17.73 17.91
C TYR A 9 1.54 -17.61 18.38
N LEU A 10 1.34 -16.86 19.45
CA LEU A 10 0.00 -16.61 19.96
C LEU A 10 -0.63 -15.52 19.11
N THR A 11 -1.72 -15.85 18.42
CA THR A 11 -2.39 -14.92 17.53
C THR A 11 -3.84 -14.80 17.96
N PHE A 12 -4.37 -13.57 17.87
CA PHE A 12 -5.71 -13.26 18.33
C PHE A 12 -6.51 -12.63 17.18
N ASP A 13 -7.68 -13.18 16.90
CA ASP A 13 -8.52 -12.71 15.79
C ASP A 13 -9.73 -11.91 16.29
N ASP A 14 -10.11 -10.92 15.48
CA ASP A 14 -11.42 -10.27 15.42
C ASP A 14 -11.50 -9.05 16.33
N GLY A 15 -10.42 -8.65 17.01
CA GLY A 15 -10.38 -7.34 17.64
C GLY A 15 -10.32 -6.23 16.61
N PRO A 16 -10.14 -4.97 17.05
CA PRO A 16 -9.98 -4.57 18.46
C PRO A 16 -11.34 -4.36 19.16
N ILE A 17 -11.52 -4.98 20.32
CA ILE A 17 -12.72 -4.83 21.14
C ILE A 17 -12.28 -4.57 22.58
N ASN A 18 -13.26 -4.23 23.42
CA ASN A 18 -12.95 -3.96 24.82
C ASN A 18 -12.15 -5.09 25.45
N ALA A 19 -12.55 -6.34 25.18
CA ALA A 19 -11.86 -7.49 25.74
C ALA A 19 -10.39 -7.55 25.33
N SER A 20 -10.01 -6.89 24.23
CA SER A 20 -8.61 -6.91 23.81
C SER A 20 -7.70 -6.34 24.89
N ILE A 21 -8.17 -5.32 25.61
CA ILE A 21 -7.33 -4.65 26.61
C ILE A 21 -6.95 -5.61 27.72
N ASP A 22 -7.92 -6.42 28.16
CA ASP A 22 -7.67 -7.36 29.25
C ASP A 22 -6.72 -8.47 28.81
N VAL A 23 -6.86 -8.94 27.56
CA VAL A 23 -5.93 -9.91 27.01
C VAL A 23 -4.53 -9.31 26.91
N ILE A 24 -4.43 -8.09 26.38
CA ILE A 24 -3.12 -7.45 26.22
C ILE A 24 -2.43 -7.28 27.59
N ASN A 25 -3.16 -6.75 28.57
CA ASN A 25 -2.56 -6.59 29.90
C ASN A 25 -1.98 -7.89 30.44
N VAL A 26 -2.73 -8.99 30.30
CA VAL A 26 -2.23 -10.30 30.73
C VAL A 26 -0.92 -10.62 30.01
N LEU A 27 -0.89 -10.44 28.69
CA LEU A 27 0.34 -10.72 27.96
C LEU A 27 1.48 -9.85 28.49
N ASN A 28 1.20 -8.56 28.73
CA ASN A 28 2.23 -7.61 29.14
C ASN A 28 2.79 -7.95 30.52
N GLU A 29 2.00 -8.53 31.40
CA GLU A 29 2.59 -8.79 32.72
C GLU A 29 3.56 -9.96 32.69
N GLN A 30 3.64 -10.71 31.58
CA GLN A 30 4.68 -11.72 31.42
C GLN A 30 5.62 -11.41 30.27
N GLY A 31 5.59 -10.19 29.73
CA GLY A 31 6.48 -9.78 28.67
C GLY A 31 6.20 -10.40 27.32
N VAL A 32 5.12 -11.17 27.18
CA VAL A 32 4.81 -11.90 25.96
C VAL A 32 4.15 -10.98 24.93
N LYS A 33 4.59 -11.07 23.67
CA LYS A 33 3.98 -10.30 22.59
C LYS A 33 3.09 -11.21 21.75
N GLY A 34 1.92 -10.68 21.36
CA GLY A 34 1.00 -11.38 20.51
C GLY A 34 0.88 -10.75 19.13
N THR A 35 0.28 -11.49 18.21
CA THR A 35 -0.10 -10.97 16.91
C THR A 35 -1.62 -10.87 16.82
N PHE A 36 -2.12 -9.68 16.49
CA PHE A 36 -3.55 -9.39 16.51
C PHE A 36 -4.05 -9.14 15.10
N TYR A 37 -4.99 -9.97 14.66
CA TYR A 37 -5.58 -9.87 13.32
C TYR A 37 -6.88 -9.10 13.47
N PHE A 38 -6.83 -7.80 13.17
CA PHE A 38 -7.88 -6.84 13.54
C PHE A 38 -8.85 -6.57 12.38
N ASN A 39 -10.11 -6.33 12.75
CA ASN A 39 -11.16 -5.85 11.86
C ASN A 39 -11.55 -4.44 12.29
N ALA A 40 -11.30 -3.45 11.43
CA ALA A 40 -11.55 -2.06 11.81
C ALA A 40 -13.03 -1.71 11.99
N TRP A 41 -13.97 -2.57 11.58
CA TRP A 41 -15.37 -2.20 11.79
C TRP A 41 -15.70 -2.04 13.28
N HIS A 42 -14.88 -2.61 14.18
CA HIS A 42 -15.13 -2.39 15.60
C HIS A 42 -14.83 -0.94 16.00
N LEU A 43 -13.87 -0.31 15.32
CA LEU A 43 -13.61 1.11 15.52
C LEU A 43 -14.81 1.97 15.11
N ASP A 44 -15.52 1.58 14.06
CA ASP A 44 -16.72 2.28 13.64
C ASP A 44 -17.93 1.98 14.52
N GLY A 45 -17.82 1.02 15.45
CA GLY A 45 -18.93 0.72 16.34
C GLY A 45 -20.07 -0.08 15.73
N ILE A 46 -19.81 -0.86 14.69
CA ILE A 46 -20.86 -1.63 14.02
C ILE A 46 -20.58 -3.12 14.04
N GLY A 47 -19.60 -3.56 14.83
CA GLY A 47 -19.22 -4.96 14.87
C GLY A 47 -19.94 -5.80 15.90
N ASP A 48 -20.98 -5.26 16.55
CA ASP A 48 -21.83 -6.02 17.48
C ASP A 48 -21.04 -6.70 18.59
N GLU A 49 -20.05 -5.98 19.13
CA GLU A 49 -19.36 -6.37 20.35
C GLU A 49 -19.33 -5.17 21.30
N ASN A 50 -18.90 -5.42 22.53
CA ASN A 50 -18.53 -4.30 23.40
C ASN A 50 -17.29 -3.66 22.84
N GLU A 51 -17.42 -2.46 22.25
CA GLU A 51 -16.29 -1.95 21.48
C GLU A 51 -16.14 -0.43 21.61
N ASP A 52 -16.73 0.19 22.64
CA ASP A 52 -16.53 1.62 22.82
C ASP A 52 -15.08 1.96 23.13
N ARG A 53 -14.29 1.02 23.63
CA ARG A 53 -12.87 1.23 23.87
C ARG A 53 -12.00 0.59 22.79
N ALA A 54 -12.55 0.38 21.60
CA ALA A 54 -11.80 -0.28 20.54
C ALA A 54 -10.56 0.52 20.18
N LEU A 55 -10.70 1.85 20.05
CA LEU A 55 -9.53 2.66 19.70
C LEU A 55 -8.50 2.60 20.81
N GLU A 56 -8.95 2.70 22.06
CA GLU A 56 -8.04 2.50 23.19
C GLU A 56 -7.29 1.17 23.08
N ALA A 57 -7.99 0.11 22.67
CA ALA A 57 -7.35 -1.20 22.61
C ALA A 57 -6.32 -1.28 21.48
N LEU A 58 -6.62 -0.66 20.33
CA LEU A 58 -5.67 -0.62 19.24
C LEU A 58 -4.41 0.15 19.65
N LYS A 59 -4.59 1.31 20.29
CA LYS A 59 -3.45 2.07 20.79
C LYS A 59 -2.65 1.26 21.79
N LEU A 60 -3.32 0.51 22.66
CA LEU A 60 -2.60 -0.24 23.68
C LEU A 60 -1.79 -1.36 23.06
N ALA A 61 -2.36 -2.07 22.09
CA ALA A 61 -1.62 -3.08 21.36
C ALA A 61 -0.33 -2.49 20.78
N LEU A 62 -0.44 -1.32 20.15
CA LEU A 62 0.70 -0.74 19.46
C LEU A 62 1.70 -0.17 20.45
N ASP A 63 1.21 0.49 21.50
CA ASP A 63 2.12 1.12 22.44
C ASP A 63 2.88 0.12 23.29
N THR A 64 2.39 -1.11 23.43
CA THR A 64 3.07 -2.11 24.24
C THR A 64 3.70 -3.23 23.41
N GLY A 65 3.88 -3.00 22.10
CA GLY A 65 4.78 -3.81 21.30
C GLY A 65 4.18 -5.03 20.62
N HIS A 66 2.86 -5.14 20.58
CA HIS A 66 2.23 -6.27 19.90
C HIS A 66 2.15 -5.97 18.43
N VAL A 67 2.01 -7.02 17.63
CA VAL A 67 1.96 -6.85 16.19
C VAL A 67 0.51 -6.76 15.75
N VAL A 68 0.20 -5.76 14.93
CA VAL A 68 -1.15 -5.57 14.41
C VAL A 68 -1.14 -5.95 12.93
N ALA A 69 -2.09 -6.79 12.54
CA ALA A 69 -2.13 -7.37 11.20
C ALA A 69 -3.57 -7.28 10.68
N ASN A 70 -3.74 -7.65 9.41
CA ASN A 70 -4.95 -7.34 8.66
C ASN A 70 -5.89 -8.54 8.57
N HIS A 71 -7.10 -8.39 9.10
CA HIS A 71 -8.11 -9.46 9.05
C HIS A 71 -9.32 -9.05 8.21
N SER A 72 -9.25 -7.92 7.52
CA SER A 72 -10.31 -7.34 6.67
C SER A 72 -11.21 -6.42 7.48
N TYR A 73 -11.86 -5.47 6.80
CA TYR A 73 -12.61 -4.42 7.49
C TYR A 73 -13.70 -5.01 8.37
N ALA A 74 -14.56 -5.87 7.81
CA ALA A 74 -15.77 -6.31 8.51
C ALA A 74 -15.90 -7.82 8.50
N HIS A 75 -14.79 -8.54 8.40
CA HIS A 75 -14.81 -9.99 8.54
C HIS A 75 -15.66 -10.66 7.48
N MET A 76 -15.76 -10.03 6.30
CA MET A 76 -16.58 -10.52 5.18
C MET A 76 -18.06 -10.55 5.48
N VAL A 77 -18.51 -9.82 6.50
CA VAL A 77 -19.92 -9.93 6.89
C VAL A 77 -20.84 -9.31 5.84
N HIS A 78 -20.31 -8.47 4.96
CA HIS A 78 -21.11 -7.99 3.82
C HIS A 78 -21.63 -9.14 2.98
N ASN A 79 -20.95 -10.29 2.98
CA ASN A 79 -21.40 -11.46 2.22
C ASN A 79 -22.43 -12.29 2.99
N CYS A 80 -22.76 -11.90 4.23
CA CYS A 80 -23.71 -12.60 5.08
C CYS A 80 -25.11 -12.01 4.99
N VAL A 81 -25.23 -10.79 4.45
CA VAL A 81 -26.48 -10.05 4.43
C VAL A 81 -26.72 -9.52 3.02
N ASP A 82 -27.93 -9.04 2.78
CA ASP A 82 -28.27 -8.52 1.45
C ASP A 82 -27.62 -7.18 1.19
N GLU A 83 -27.59 -6.29 2.19
CA GLU A 83 -27.01 -4.97 2.04
C GLU A 83 -26.27 -4.64 3.34
N PHE A 84 -24.95 -4.46 3.24
CA PHE A 84 -24.15 -4.24 4.43
C PHE A 84 -24.47 -2.88 5.05
N GLY A 85 -24.52 -2.84 6.37
CA GLY A 85 -24.88 -1.64 7.08
C GLY A 85 -24.55 -1.74 8.56
N PRO A 86 -24.91 -0.71 9.33
CA PRO A 86 -24.51 -0.67 10.74
C PRO A 86 -25.08 -1.81 11.59
N THR A 87 -26.12 -2.52 11.14
CA THR A 87 -26.68 -3.64 11.91
C THR A 87 -26.34 -5.00 11.32
N SER A 88 -25.51 -5.06 10.27
CA SER A 88 -25.23 -6.35 9.64
C SER A 88 -24.56 -7.31 10.61
N GLY A 89 -23.65 -6.80 11.45
CA GLY A 89 -22.98 -7.67 12.41
C GLY A 89 -23.95 -8.41 13.30
N ALA A 90 -24.92 -7.71 13.87
CA ALA A 90 -25.91 -8.37 14.71
C ALA A 90 -26.83 -9.27 13.88
N GLU A 91 -27.22 -8.80 12.70
CA GLU A 91 -28.07 -9.61 11.82
C GLU A 91 -27.41 -10.95 11.49
N CYS A 92 -26.11 -10.94 11.22
CA CYS A 92 -25.39 -12.18 10.93
C CYS A 92 -25.18 -13.04 12.18
N ASN A 93 -24.96 -12.40 13.33
CA ASN A 93 -24.90 -13.15 14.58
C ASN A 93 -26.21 -13.84 14.88
N ALA A 94 -27.33 -13.28 14.42
CA ALA A 94 -28.62 -13.89 14.71
C ALA A 94 -28.80 -15.18 13.93
N THR A 95 -28.40 -15.20 12.66
CA THR A 95 -28.53 -16.40 11.83
C THR A 95 -27.36 -17.35 11.98
N GLY A 96 -26.22 -16.87 12.47
CA GLY A 96 -25.03 -17.70 12.49
C GLY A 96 -24.59 -18.19 11.12
N ASP A 97 -24.92 -17.46 10.06
CA ASP A 97 -24.60 -17.86 8.70
C ASP A 97 -23.27 -17.31 8.19
N HIS A 98 -22.35 -16.98 9.10
CA HIS A 98 -21.11 -16.31 8.71
C HIS A 98 -20.37 -17.05 7.60
N GLN A 99 -20.36 -18.38 7.65
CA GLN A 99 -19.53 -19.17 6.74
C GLN A 99 -20.24 -19.52 5.44
N ILE A 100 -21.50 -19.15 5.28
CA ILE A 100 -22.26 -19.49 4.08
C ILE A 100 -22.16 -18.34 3.10
N ASN A 101 -21.71 -18.64 1.88
CA ASN A 101 -21.45 -17.62 0.87
C ASN A 101 -20.50 -16.55 1.41
N ALA A 102 -19.56 -16.98 2.25
CA ALA A 102 -18.69 -16.03 2.95
C ALA A 102 -17.79 -15.26 1.98
N TYR A 103 -17.39 -15.88 0.88
CA TYR A 103 -16.66 -15.20 -0.18
C TYR A 103 -17.45 -15.30 -1.46
N GLN A 104 -17.56 -14.19 -2.18
CA GLN A 104 -18.38 -14.20 -3.38
C GLN A 104 -17.61 -13.59 -4.54
N ASP A 105 -17.46 -12.27 -4.54
CA ASP A 105 -16.66 -11.58 -5.53
C ASP A 105 -15.26 -11.38 -4.95
N PRO A 106 -14.27 -12.17 -5.37
CA PRO A 106 -12.97 -12.12 -4.68
C PRO A 106 -12.30 -10.77 -4.82
N VAL A 107 -12.51 -10.07 -5.92
CA VAL A 107 -11.91 -8.76 -6.08
C VAL A 107 -12.45 -7.81 -5.02
N TYR A 108 -13.78 -7.78 -4.88
CA TYR A 108 -14.34 -6.92 -3.85
C TYR A 108 -13.91 -7.38 -2.46
N ASP A 109 -14.01 -8.68 -2.19
CA ASP A 109 -13.68 -9.16 -0.84
C ASP A 109 -12.23 -8.83 -0.48
N ALA A 110 -11.30 -9.05 -1.40
CA ALA A 110 -9.91 -8.68 -1.13
C ALA A 110 -9.79 -7.17 -0.89
N SER A 111 -10.60 -6.37 -1.60
CA SER A 111 -10.53 -4.93 -1.39
C SER A 111 -10.92 -4.52 0.02
N THR A 112 -11.62 -5.37 0.77
CA THR A 112 -11.95 -4.97 2.14
C THR A 112 -10.76 -5.10 3.08
N PHE A 113 -9.68 -5.77 2.66
CA PHE A 113 -8.42 -5.67 3.38
C PHE A 113 -7.78 -4.30 3.16
N ALA A 114 -7.87 -3.77 1.95
CA ALA A 114 -7.38 -2.41 1.70
C ALA A 114 -8.21 -1.37 2.47
N ASP A 115 -9.54 -1.50 2.44
CA ASP A 115 -10.42 -0.63 3.23
C ASP A 115 -10.04 -0.65 4.71
N ASN A 116 -9.73 -1.84 5.23
CA ASN A 116 -9.35 -1.97 6.63
C ASN A 116 -8.24 -0.99 6.99
N LEU A 117 -7.20 -0.93 6.15
CA LEU A 117 -6.06 -0.07 6.42
C LEU A 117 -6.44 1.40 6.37
N VAL A 118 -7.31 1.76 5.42
CA VAL A 118 -7.75 3.15 5.34
C VAL A 118 -8.44 3.56 6.63
N VAL A 119 -9.27 2.67 7.18
CA VAL A 119 -9.96 3.01 8.43
C VAL A 119 -8.97 3.08 9.59
N PHE A 120 -8.01 2.15 9.67
CA PHE A 120 -7.01 2.22 10.74
C PHE A 120 -6.30 3.57 10.74
N GLU A 121 -5.93 4.04 9.54
CA GLU A 121 -5.13 5.24 9.36
C GLU A 121 -5.96 6.51 9.50
N ARG A 122 -7.30 6.42 9.43
CA ARG A 122 -8.13 7.56 9.79
C ARG A 122 -8.31 7.66 11.29
N TYR A 123 -8.49 6.53 11.99
CA TYR A 123 -8.70 6.55 13.43
C TYR A 123 -7.42 6.79 14.22
N LEU A 124 -6.28 6.38 13.69
CA LEU A 124 -4.98 6.53 14.33
C LEU A 124 -4.02 7.06 13.27
N PRO A 125 -4.00 8.37 13.05
CA PRO A 125 -3.25 8.93 11.91
C PRO A 125 -1.76 8.60 11.91
N ASN A 126 -1.12 8.40 13.07
CA ASN A 126 0.30 8.07 13.10
C ASN A 126 0.55 6.58 13.18
N ILE A 127 -0.41 5.74 12.77
CA ILE A 127 -0.23 4.31 12.96
C ILE A 127 1.00 3.80 12.20
N ASN A 128 1.32 4.38 11.05
CA ASN A 128 2.47 3.85 10.32
C ASN A 128 3.82 4.33 10.85
N SER A 129 3.84 5.11 11.93
CA SER A 129 5.09 5.39 12.64
C SER A 129 5.42 4.31 13.67
N TYR A 130 4.59 3.28 13.80
CA TYR A 130 4.87 2.16 14.71
C TYR A 130 5.54 1.02 13.95
N PRO A 131 6.72 0.57 14.35
CA PRO A 131 7.35 -0.56 13.65
C PRO A 131 6.57 -1.87 13.77
N ASN A 132 5.71 -2.01 14.77
CA ASN A 132 4.93 -3.23 14.98
C ASN A 132 3.58 -3.19 14.27
N TYR A 133 3.32 -2.15 13.48
CA TYR A 133 2.13 -2.12 12.61
C TYR A 133 2.48 -2.83 11.31
N PHE A 134 1.88 -4.00 11.10
CA PHE A 134 2.10 -4.80 9.89
C PHE A 134 0.81 -4.94 9.07
N GLY A 135 -0.09 -3.97 9.17
CA GLY A 135 -1.35 -4.06 8.45
C GLY A 135 -1.22 -4.29 6.96
N GLU A 136 -0.19 -3.73 6.32
CA GLU A 136 -0.02 -3.86 4.89
C GLU A 136 0.75 -5.11 4.48
N GLU A 137 1.28 -5.87 5.45
CA GLU A 137 2.21 -6.94 5.13
C GLU A 137 1.79 -8.32 5.63
N LEU A 138 0.95 -8.40 6.67
CA LEU A 138 0.51 -9.67 7.23
C LEU A 138 -1.01 -9.69 7.25
N ALA A 139 -1.60 -10.81 6.81
CA ALA A 139 -3.05 -10.94 6.82
C ALA A 139 -3.44 -12.37 7.19
N ARG A 140 -4.71 -12.53 7.53
CA ARG A 140 -5.33 -13.85 7.69
C ARG A 140 -6.77 -13.75 7.22
N LEU A 141 -7.19 -14.71 6.39
CA LEU A 141 -8.55 -14.64 5.86
C LEU A 141 -9.57 -15.11 6.91
N PRO A 142 -10.66 -14.38 7.06
CA PRO A 142 -11.77 -14.88 7.89
C PRO A 142 -12.14 -16.30 7.51
N TYR A 143 -12.32 -17.13 8.55
CA TYR A 143 -12.87 -18.48 8.45
C TYR A 143 -11.90 -19.52 7.90
N THR A 144 -10.75 -19.09 7.39
CA THR A 144 -10.01 -19.88 6.40
C THR A 144 -8.58 -20.13 6.86
N ASN A 145 -8.23 -21.41 7.00
CA ASN A 145 -6.87 -21.82 7.35
C ASN A 145 -6.06 -21.95 6.06
N GLY A 146 -5.78 -20.79 5.47
CA GLY A 146 -5.03 -20.71 4.24
C GLY A 146 -3.74 -19.95 4.48
N TRP A 147 -2.72 -20.30 3.69
CA TRP A 147 -1.36 -19.83 3.92
C TRP A 147 -0.75 -19.34 2.62
N ARG A 148 -0.05 -18.20 2.68
CA ARG A 148 0.77 -17.71 1.57
C ARG A 148 2.08 -17.23 2.19
N ILE A 149 3.09 -18.09 2.22
CA ILE A 149 4.33 -17.81 2.93
C ILE A 149 5.49 -17.61 1.97
N THR A 150 5.77 -18.60 1.13
CA THR A 150 6.78 -18.43 0.09
C THR A 150 6.22 -18.93 -1.23
N LYS A 151 7.03 -18.77 -2.28
CA LYS A 151 6.69 -19.34 -3.56
C LYS A 151 6.38 -20.83 -3.46
N ASP A 152 7.01 -21.54 -2.51
CA ASP A 152 6.83 -22.99 -2.37
C ASP A 152 6.19 -23.39 -1.04
N PHE A 153 5.53 -22.46 -0.39
CA PHE A 153 4.85 -22.73 0.91
C PHE A 153 3.50 -22.03 0.88
N LYS A 154 2.50 -22.77 0.48
CA LYS A 154 1.13 -22.27 0.37
C LYS A 154 0.15 -23.38 0.75
N ALA A 155 -1.03 -22.97 1.21
CA ALA A 155 -2.10 -23.90 1.55
C ALA A 155 -3.43 -23.17 1.43
N ASP A 156 -4.49 -23.94 1.23
CA ASP A 156 -5.85 -23.39 1.17
C ASP A 156 -6.78 -24.24 2.03
N GLY A 157 -7.70 -23.57 2.71
CA GLY A 157 -8.74 -24.31 3.41
C GLY A 157 -9.85 -24.71 2.47
N LEU A 158 -9.82 -25.94 1.97
CA LEU A 158 -10.76 -26.30 0.92
C LEU A 158 -12.17 -26.59 1.44
N CYS A 159 -12.36 -26.70 2.75
CA CYS A 159 -13.70 -26.86 3.33
C CYS A 159 -14.07 -25.70 4.25
N ALA A 160 -13.37 -24.56 4.13
CA ALA A 160 -13.48 -23.54 5.15
C ALA A 160 -14.85 -22.87 5.16
N THR A 161 -15.43 -22.66 3.99
CA THR A 161 -16.72 -22.01 3.87
C THR A 161 -17.56 -22.76 2.85
N SER A 162 -18.88 -22.52 2.90
CA SER A 162 -19.83 -23.34 2.18
C SER A 162 -20.77 -22.47 1.35
N ASP A 163 -21.43 -23.12 0.37
CA ASP A 163 -22.43 -22.48 -0.46
C ASP A 163 -23.84 -22.69 0.05
N ASP A 164 -24.04 -23.50 1.09
CA ASP A 164 -25.39 -23.81 1.51
C ASP A 164 -25.42 -24.33 2.94
N LEU A 165 -24.84 -25.49 3.17
CA LEU A 165 -24.98 -26.20 4.43
C LEU A 165 -23.79 -25.95 5.33
N LYS A 166 -24.05 -25.83 6.63
CA LYS A 166 -23.00 -25.81 7.62
C LYS A 166 -22.52 -27.23 7.89
N PRO A 167 -21.26 -27.39 8.30
CA PRO A 167 -20.66 -28.74 8.31
C PRO A 167 -21.45 -29.78 9.10
N TRP A 168 -22.19 -29.37 10.13
CA TRP A 168 -22.91 -30.30 11.00
C TRP A 168 -24.33 -30.57 10.53
N GLU A 169 -24.80 -29.92 9.47
CA GLU A 169 -26.17 -30.13 9.06
C GLU A 169 -26.26 -31.37 8.15
N PRO A 170 -27.38 -32.10 8.22
CA PRO A 170 -27.51 -33.29 7.38
C PRO A 170 -27.34 -32.95 5.91
N GLY A 171 -26.59 -33.80 5.20
CA GLY A 171 -26.33 -33.62 3.79
C GLY A 171 -25.11 -32.81 3.44
N TYR A 172 -24.40 -32.25 4.43
CA TYR A 172 -23.20 -31.48 4.14
C TYR A 172 -22.11 -32.38 3.58
N VAL A 173 -21.44 -31.90 2.52
CA VAL A 173 -20.33 -32.62 1.89
C VAL A 173 -19.26 -31.62 1.50
N CYS A 174 -17.99 -32.00 1.68
CA CYS A 174 -16.88 -31.24 1.14
C CYS A 174 -16.14 -32.10 0.12
N ASP A 175 -16.12 -31.65 -1.12
CA ASP A 175 -15.43 -32.33 -2.20
C ASP A 175 -14.13 -31.59 -2.49
N LEU A 176 -13.01 -32.20 -2.13
CA LEU A 176 -11.71 -31.54 -2.31
C LEU A 176 -11.38 -31.30 -3.78
N ASP A 177 -12.02 -32.03 -4.70
CA ASP A 177 -11.80 -31.84 -6.12
C ASP A 177 -12.80 -30.89 -6.77
N ASN A 178 -13.86 -30.52 -6.04
CA ASN A 178 -14.82 -29.51 -6.50
C ASN A 178 -15.25 -28.71 -5.28
N PRO A 179 -14.37 -27.89 -4.73
CA PRO A 179 -14.72 -27.10 -3.55
C PRO A 179 -15.83 -26.11 -3.84
N SER A 180 -16.43 -25.61 -2.76
CA SER A 180 -17.54 -24.67 -2.87
C SER A 180 -17.11 -23.42 -3.63
N ASN A 181 -18.10 -22.74 -4.21
CA ASN A 181 -17.83 -21.44 -4.84
C ASN A 181 -17.21 -20.48 -3.83
N SER A 182 -17.67 -20.51 -2.58
CA SER A 182 -17.09 -19.64 -1.56
C SER A 182 -15.61 -19.94 -1.36
N VAL A 183 -15.25 -21.22 -1.27
CA VAL A 183 -13.85 -21.58 -1.11
C VAL A 183 -13.04 -21.15 -2.32
N LYS A 184 -13.57 -21.33 -3.52
CA LYS A 184 -12.82 -20.95 -4.71
C LYS A 184 -12.58 -19.44 -4.73
N ALA A 185 -13.59 -18.66 -4.34
CA ALA A 185 -13.40 -17.22 -4.24
C ALA A 185 -12.34 -16.87 -3.19
N SER A 186 -12.36 -17.56 -2.04
CA SER A 186 -11.37 -17.26 -1.01
C SER A 186 -9.95 -17.56 -1.48
N ILE A 187 -9.79 -18.60 -2.31
CA ILE A 187 -8.46 -18.89 -2.84
C ILE A 187 -7.99 -17.73 -3.70
N GLU A 188 -8.90 -17.16 -4.49
CA GLU A 188 -8.53 -16.00 -5.29
C GLU A 188 -8.18 -14.80 -4.40
N VAL A 189 -8.88 -14.65 -3.28
CA VAL A 189 -8.54 -13.58 -2.34
C VAL A 189 -7.12 -13.76 -1.83
N GLN A 190 -6.77 -14.99 -1.43
CA GLN A 190 -5.39 -15.24 -1.01
C GLN A 190 -4.41 -14.75 -2.07
N ASN A 191 -4.68 -15.10 -3.33
CA ASN A 191 -3.74 -14.78 -4.41
C ASN A 191 -3.66 -13.29 -4.67
N ILE A 192 -4.80 -12.59 -4.58
CA ILE A 192 -4.78 -11.13 -4.73
C ILE A 192 -3.92 -10.50 -3.66
N LEU A 193 -4.10 -10.93 -2.39
CA LEU A 193 -3.31 -10.35 -1.32
C LEU A 193 -1.81 -10.66 -1.48
N ALA A 194 -1.48 -11.89 -1.86
CA ALA A 194 -0.07 -12.23 -2.10
C ALA A 194 0.53 -11.32 -3.15
N ASN A 195 -0.24 -10.99 -4.19
CA ASN A 195 0.24 -10.09 -5.24
C ASN A 195 0.39 -8.66 -4.77
N LYS A 196 -0.26 -8.28 -3.68
CA LYS A 196 -0.06 -6.96 -3.08
C LYS A 196 1.03 -6.97 -2.02
N GLY A 197 1.72 -8.09 -1.84
CA GLY A 197 2.84 -8.16 -0.92
C GLY A 197 2.51 -8.72 0.45
N TYR A 198 1.30 -9.20 0.67
CA TYR A 198 1.00 -9.85 1.95
C TYR A 198 1.58 -11.25 2.02
N GLN A 199 1.95 -11.65 3.22
CA GLN A 199 1.92 -13.07 3.59
C GLN A 199 0.62 -13.31 4.34
N THR A 200 0.09 -14.53 4.23
CA THR A 200 -1.05 -14.92 5.05
C THR A 200 -0.69 -16.19 5.81
N HIS A 201 -1.10 -16.22 7.08
CA HIS A 201 -0.80 -17.30 8.03
C HIS A 201 -2.10 -17.89 8.56
N GLY A 202 -2.16 -19.22 8.58
CA GLY A 202 -3.27 -19.93 9.20
C GLY A 202 -2.92 -20.26 10.64
N TRP A 203 -3.23 -21.48 11.05
CA TRP A 203 -2.95 -21.87 12.42
C TRP A 203 -2.77 -23.37 12.53
N ASP A 204 -2.08 -23.78 13.60
CA ASP A 204 -1.89 -25.18 13.95
C ASP A 204 -2.93 -25.65 14.96
N VAL A 205 -3.30 -24.79 15.90
CA VAL A 205 -4.22 -25.13 16.98
C VAL A 205 -5.13 -23.95 17.24
N ASP A 206 -6.40 -24.23 17.55
CA ASP A 206 -7.40 -23.20 17.83
C ASP A 206 -7.83 -23.34 19.28
N TRP A 207 -7.39 -22.41 20.14
CA TRP A 207 -7.81 -22.36 21.53
C TRP A 207 -9.27 -21.89 21.55
N SER A 208 -10.20 -22.85 21.66
CA SER A 208 -11.62 -22.59 21.45
C SER A 208 -12.48 -23.34 22.46
N PRO A 209 -13.78 -23.02 22.57
CA PRO A 209 -14.68 -23.78 23.42
C PRO A 209 -14.68 -25.26 23.16
N GLU A 210 -14.69 -26.05 24.23
CA GLU A 210 -14.75 -27.52 24.12
C GLU A 210 -16.21 -27.93 23.96
N ASN A 211 -17.15 -27.07 24.39
CA ASN A 211 -18.60 -27.35 24.22
C ASN A 211 -19.34 -26.21 23.51
N TRP A 212 -19.38 -26.24 22.17
CA TRP A 212 -20.20 -25.28 21.41
C TRP A 212 -21.60 -25.89 21.44
N GLY A 213 -22.44 -25.48 22.38
CA GLY A 213 -23.75 -26.14 22.58
C GLY A 213 -24.30 -25.76 23.94
N ILE A 214 -23.42 -25.50 24.90
CA ILE A 214 -23.85 -25.01 26.24
C ILE A 214 -24.24 -23.51 26.09
N PRO A 215 -25.14 -22.95 26.93
CA PRO A 215 -25.44 -21.52 26.86
C PRO A 215 -24.28 -20.53 27.01
N MET A 216 -23.27 -20.88 27.80
CA MET A 216 -22.10 -19.99 27.98
C MET A 216 -20.87 -20.74 27.45
N PRO A 217 -20.72 -20.88 26.13
CA PRO A 217 -19.64 -21.67 25.58
C PRO A 217 -18.22 -21.24 25.94
N ALA A 218 -18.00 -19.94 26.12
CA ALA A 218 -16.65 -19.46 26.49
C ALA A 218 -16.16 -20.13 27.78
N ASN A 219 -17.08 -20.58 28.64
CA ASN A 219 -16.65 -21.18 29.92
C ASN A 219 -15.95 -22.54 29.69
N SER A 220 -16.16 -23.19 28.54
CA SER A 220 -15.56 -24.48 28.24
C SER A 220 -14.21 -24.36 27.54
N LEU A 221 -13.59 -23.18 27.57
CA LEU A 221 -12.27 -23.04 26.95
C LEU A 221 -11.29 -24.01 27.59
N THR A 222 -10.54 -24.71 26.75
CA THR A 222 -9.58 -25.72 27.21
C THR A 222 -8.69 -25.17 28.31
N GLU A 223 -8.37 -26.04 29.28
CA GLU A 223 -7.52 -25.63 30.39
C GLU A 223 -6.08 -25.46 29.94
N ALA A 224 -5.35 -24.57 30.64
CA ALA A 224 -3.98 -24.26 30.24
C ALA A 224 -3.14 -25.53 30.12
N GLU A 225 -3.20 -26.41 31.12
CA GLU A 225 -2.43 -27.64 31.06
C GLU A 225 -2.84 -28.50 29.86
N ALA A 226 -4.14 -28.73 29.68
CA ALA A 226 -4.59 -29.53 28.55
C ALA A 226 -4.23 -28.86 27.23
N PHE A 227 -4.31 -27.54 27.16
CA PHE A 227 -4.02 -26.87 25.89
C PHE A 227 -2.54 -26.97 25.56
N LEU A 228 -1.67 -26.89 26.58
CA LEU A 228 -0.26 -27.13 26.33
C LEU A 228 -0.04 -28.52 25.73
N GLY A 229 -0.86 -29.49 26.13
CA GLY A 229 -0.80 -30.80 25.50
C GLY A 229 -1.11 -30.74 24.01
N TYR A 230 -2.10 -29.92 23.63
CA TYR A 230 -2.41 -29.76 22.20
C TYR A 230 -1.24 -29.12 21.46
N VAL A 231 -0.60 -28.12 22.07
CA VAL A 231 0.57 -27.50 21.46
C VAL A 231 1.69 -28.53 21.29
N ASP A 232 2.05 -29.22 22.38
CA ASP A 232 3.08 -30.25 22.31
C ASP A 232 2.81 -31.22 21.18
N ALA A 233 1.55 -31.62 20.99
CA ALA A 233 1.22 -32.57 19.94
C ALA A 233 1.29 -31.96 18.56
N ALA A 234 1.12 -30.64 18.45
CA ALA A 234 1.20 -29.97 17.16
C ALA A 234 2.63 -29.87 16.67
N LEU A 235 3.60 -29.89 17.58
CA LEU A 235 5.01 -29.67 17.23
C LEU A 235 5.47 -30.67 16.17
N ASN A 236 5.76 -30.17 14.96
CA ASN A 236 6.34 -30.97 13.88
C ASN A 236 5.46 -32.14 13.46
N SER A 237 4.14 -31.98 13.55
CA SER A 237 3.22 -33.04 13.15
C SER A 237 2.23 -32.60 12.06
N CYS A 238 2.58 -31.54 11.32
CA CYS A 238 1.71 -31.01 10.26
C CYS A 238 0.29 -30.78 10.77
N ALA A 239 0.19 -30.12 11.93
CA ALA A 239 -1.10 -29.90 12.54
C ALA A 239 -2.11 -29.17 11.66
N PRO A 240 -1.73 -28.22 10.79
CA PRO A 240 -2.76 -27.56 9.97
C PRO A 240 -3.54 -28.53 9.07
N THR A 241 -2.98 -29.69 8.74
CA THR A 241 -3.71 -30.68 7.96
C THR A 241 -4.45 -31.70 8.82
N THR A 242 -3.95 -32.00 10.02
CA THR A 242 -4.60 -32.98 10.89
C THR A 242 -5.69 -32.37 11.76
N ILE A 243 -5.80 -31.04 11.79
CA ILE A 243 -6.71 -30.37 12.70
C ILE A 243 -8.17 -30.68 12.36
N ASN A 244 -9.02 -30.63 13.39
CA ASN A 244 -10.47 -30.75 13.29
C ASN A 244 -11.11 -29.50 13.86
N PRO A 245 -12.28 -29.06 13.36
CA PRO A 245 -13.17 -29.63 12.33
C PRO A 245 -12.68 -29.48 10.89
N ILE A 246 -13.47 -30.03 9.96
CA ILE A 246 -13.06 -30.12 8.56
C ILE A 246 -12.82 -28.73 7.98
N ASN A 247 -13.67 -27.76 8.34
CA ASN A 247 -13.56 -26.42 7.79
C ASN A 247 -12.35 -25.66 8.32
N SER A 248 -11.57 -26.27 9.20
CA SER A 248 -10.36 -25.67 9.77
C SER A 248 -9.08 -26.24 9.18
N LYS A 249 -9.17 -27.29 8.36
CA LYS A 249 -7.99 -27.89 7.76
C LYS A 249 -7.37 -26.99 6.70
N ALA A 250 -6.04 -27.03 6.60
CA ALA A 250 -5.27 -26.29 5.60
C ALA A 250 -4.72 -27.27 4.57
N HIS A 251 -5.50 -27.52 3.52
CA HIS A 251 -5.14 -28.50 2.52
C HIS A 251 -3.96 -28.02 1.66
N GLY A 252 -3.07 -28.95 1.32
CA GLY A 252 -1.89 -28.64 0.56
C GLY A 252 -0.72 -28.18 1.40
N PHE A 253 -0.89 -28.04 2.70
CA PHE A 253 0.18 -27.55 3.55
C PHE A 253 1.39 -28.45 3.42
N PRO A 254 2.57 -27.92 3.14
CA PRO A 254 3.73 -28.78 2.86
C PRO A 254 4.30 -29.37 4.13
N CYS A 255 3.78 -30.53 4.55
CA CYS A 255 4.20 -31.14 5.81
C CYS A 255 5.72 -31.29 5.86
N GLY A 256 6.31 -30.90 6.99
CA GLY A 256 7.74 -30.98 7.20
C GLY A 256 8.56 -29.84 6.61
N THR A 257 7.93 -28.84 6.01
CA THR A 257 8.69 -27.75 5.40
C THR A 257 9.58 -27.09 6.47
N PRO A 258 10.83 -26.75 6.14
CA PRO A 258 11.73 -26.27 7.19
C PRO A 258 11.26 -25.00 7.89
N LEU A 259 10.57 -24.11 7.18
CA LEU A 259 10.12 -22.87 7.80
C LEU A 259 9.06 -23.10 8.87
N HIS A 260 8.39 -24.26 8.86
CA HIS A 260 7.43 -24.55 9.92
C HIS A 260 8.00 -25.42 11.04
N ALA A 261 9.24 -25.88 10.91
CA ALA A 261 9.80 -26.79 11.91
C ALA A 261 9.89 -26.13 13.28
N ASP A 262 9.47 -26.87 14.31
CA ASP A 262 9.57 -26.44 15.70
C ASP A 262 8.71 -25.20 15.98
N LYS A 263 7.65 -24.99 15.20
CA LYS A 263 6.76 -23.84 15.39
C LYS A 263 5.31 -24.28 15.54
N VAL A 264 4.55 -23.53 16.35
CA VAL A 264 3.13 -23.77 16.56
C VAL A 264 2.42 -22.42 16.55
N VAL A 265 1.53 -22.22 15.59
CA VAL A 265 0.72 -21.01 15.52
C VAL A 265 -0.61 -21.27 16.21
N VAL A 266 -0.88 -20.54 17.28
CA VAL A 266 -2.12 -20.68 18.02
C VAL A 266 -3.10 -19.62 17.58
N LEU A 267 -4.32 -20.04 17.24
CA LEU A 267 -5.42 -19.13 16.99
C LEU A 267 -6.33 -19.09 18.22
N THR A 268 -6.66 -17.87 18.68
CA THR A 268 -7.75 -17.67 19.64
C THR A 268 -8.40 -16.34 19.34
N HIS A 269 -9.45 -16.01 20.11
CA HIS A 269 -10.22 -14.78 19.90
C HIS A 269 -10.40 -14.07 21.23
N GLU A 270 -10.11 -12.77 21.27
CA GLU A 270 -10.26 -12.05 22.53
C GLU A 270 -11.68 -12.10 23.07
N PHE A 271 -12.70 -12.21 22.19
CA PHE A 271 -14.06 -12.21 22.71
C PHE A 271 -14.34 -13.45 23.57
N LEU A 272 -13.46 -14.45 23.55
CA LEU A 272 -13.56 -15.60 24.45
C LEU A 272 -13.06 -15.28 25.85
N TYR A 273 -12.46 -14.12 26.07
CA TYR A 273 -11.87 -13.76 27.35
C TYR A 273 -12.62 -12.58 27.98
N GLU A 274 -13.92 -12.51 27.72
CA GLU A 274 -14.76 -11.43 28.21
C GLU A 274 -15.94 -11.99 28.98
N ASP A 275 -16.28 -11.32 30.08
CA ASP A 275 -17.49 -11.65 30.83
C ASP A 275 -18.69 -11.00 30.12
N GLY A 276 -19.61 -11.83 29.63
CA GLY A 276 -20.76 -11.31 28.91
C GLY A 276 -21.63 -12.37 28.26
N LYS A 277 -22.07 -12.09 27.02
CA LYS A 277 -23.03 -12.93 26.32
C LYS A 277 -22.50 -14.32 26.00
N ARG A 278 -21.19 -14.52 26.03
CA ARG A 278 -20.62 -15.83 25.68
C ARG A 278 -20.19 -16.63 26.91
N GLY A 279 -20.27 -16.04 28.10
CA GLY A 279 -19.86 -16.67 29.34
C GLY A 279 -18.97 -15.74 30.14
N MET A 280 -18.41 -16.29 31.22
CA MET A 280 -17.49 -15.55 32.09
C MET A 280 -16.05 -15.76 31.60
N GLY A 281 -15.83 -15.36 30.34
CA GLY A 281 -14.53 -15.58 29.74
C GLY A 281 -13.42 -14.83 30.43
N ALA A 282 -13.71 -13.64 30.95
CA ALA A 282 -12.68 -12.88 31.65
C ALA A 282 -12.34 -13.55 32.98
N THR A 283 -13.35 -13.92 33.75
CA THR A 283 -13.11 -14.47 35.08
C THR A 283 -12.52 -15.88 35.01
N GLN A 284 -12.93 -16.68 34.04
CA GLN A 284 -12.42 -18.04 33.94
C GLN A 284 -11.26 -18.19 32.97
N ASN A 285 -11.21 -17.44 31.88
CA ASN A 285 -10.27 -17.73 30.81
C ASN A 285 -9.00 -16.90 30.84
N LEU A 286 -9.06 -15.66 31.33
CA LEU A 286 -7.81 -14.92 31.50
C LEU A 286 -6.85 -15.64 32.42
N PRO A 287 -7.28 -16.29 33.51
CA PRO A 287 -6.35 -17.13 34.28
C PRO A 287 -5.78 -18.30 33.49
N LYS A 288 -6.58 -18.90 32.60
CA LYS A 288 -6.04 -19.97 31.75
C LYS A 288 -4.96 -19.45 30.83
N LEU A 289 -5.18 -18.26 30.26
CA LEU A 289 -4.17 -17.63 29.41
C LEU A 289 -2.90 -17.31 30.21
N ALA A 290 -3.04 -16.64 31.35
CA ALA A 290 -1.88 -16.34 32.18
C ALA A 290 -1.13 -17.62 32.55
N LYS A 291 -1.86 -18.67 32.91
CA LYS A 291 -1.21 -19.92 33.30
C LYS A 291 -0.55 -20.59 32.11
N PHE A 292 -1.18 -20.53 30.94
CA PHE A 292 -0.58 -21.10 29.75
C PHE A 292 0.80 -20.50 29.48
N LEU A 293 0.90 -19.17 29.54
CA LEU A 293 2.18 -18.53 29.27
C LEU A 293 3.26 -19.01 30.24
N ARG A 294 2.88 -19.19 31.50
CA ARG A 294 3.85 -19.59 32.51
C ARG A 294 4.36 -21.01 32.26
N ILE A 295 3.45 -21.97 32.05
CA ILE A 295 3.88 -23.36 31.92
C ILE A 295 4.47 -23.64 30.54
N ALA A 296 4.03 -22.92 29.50
CA ALA A 296 4.67 -23.05 28.20
C ALA A 296 6.14 -22.67 28.30
N LYS A 297 6.44 -21.51 28.90
CA LYS A 297 7.83 -21.11 29.08
C LYS A 297 8.59 -22.12 29.94
N GLU A 298 7.95 -22.65 30.97
CA GLU A 298 8.63 -23.65 31.79
C GLU A 298 8.87 -24.94 31.02
N ALA A 299 7.98 -25.29 30.09
CA ALA A 299 8.18 -26.48 29.27
C ALA A 299 9.28 -26.29 28.23
N GLY A 300 9.86 -25.09 28.12
CA GLY A 300 10.91 -24.82 27.17
C GLY A 300 10.50 -24.03 25.93
N TYR A 301 9.24 -23.65 25.80
CA TYR A 301 8.83 -22.88 24.64
C TYR A 301 9.21 -21.42 24.80
N VAL A 302 9.36 -20.74 23.67
CA VAL A 302 9.47 -19.29 23.63
C VAL A 302 8.34 -18.75 22.77
N PHE A 303 7.96 -17.49 23.01
CA PHE A 303 6.84 -16.86 22.34
C PHE A 303 7.34 -15.81 21.35
N ASP A 304 6.70 -15.73 20.18
CA ASP A 304 7.15 -14.78 19.18
C ASP A 304 5.96 -14.32 18.36
N THR A 305 6.19 -13.32 17.51
CA THR A 305 5.14 -12.72 16.71
C THR A 305 5.33 -13.09 15.24
N ILE A 306 4.23 -13.01 14.47
CA ILE A 306 4.22 -13.58 13.14
C ILE A 306 5.18 -12.84 12.19
N ASP A 307 5.52 -11.58 12.48
CA ASP A 307 6.52 -10.88 11.67
C ASP A 307 7.91 -11.51 11.77
N ASN A 308 8.12 -12.42 12.71
CA ASN A 308 9.37 -13.16 12.80
C ASN A 308 9.24 -14.61 12.38
N TYR A 309 8.03 -15.06 12.00
CA TYR A 309 7.85 -16.45 11.57
C TYR A 309 8.81 -16.79 10.44
N THR A 310 8.87 -15.93 9.41
CA THR A 310 9.96 -15.95 8.46
C THR A 310 11.05 -15.03 8.98
N PRO A 311 12.24 -15.52 9.31
CA PRO A 311 13.19 -14.67 10.04
C PRO A 311 13.59 -13.46 9.21
N VAL A 312 13.73 -12.33 9.89
CA VAL A 312 14.13 -11.08 9.25
C VAL A 312 15.63 -11.11 9.00
N TRP A 313 16.05 -10.78 7.78
CA TRP A 313 17.47 -10.75 7.41
C TRP A 313 18.23 -9.85 8.39
N GLN A 314 19.40 -10.33 8.84
CA GLN A 314 20.20 -9.56 9.80
C GLN A 314 21.68 -9.65 9.47
N VAL A 315 22.34 -8.49 9.38
CA VAL A 315 23.79 -8.44 9.20
C VAL A 315 24.48 -9.30 10.25
N GLY A 316 25.44 -10.10 9.80
CA GLY A 316 26.22 -10.94 10.70
C GLY A 316 25.67 -12.34 10.90
N ASN A 317 24.42 -12.59 10.53
CA ASN A 317 23.86 -13.93 10.64
C ASN A 317 24.41 -14.85 9.56
N ALA A 318 24.51 -16.13 9.89
CA ALA A 318 24.91 -17.16 8.94
C ALA A 318 23.66 -17.73 8.29
N TYR A 319 23.68 -17.83 6.95
CA TYR A 319 22.60 -18.44 6.19
C TYR A 319 23.12 -19.64 5.42
N ALA A 320 22.32 -20.69 5.40
CA ALA A 320 22.56 -21.85 4.58
C ALA A 320 21.84 -21.68 3.25
N ALA A 321 22.37 -22.29 2.20
CA ALA A 321 21.63 -22.28 0.94
C ALA A 321 20.24 -22.85 1.15
N GLY A 322 19.25 -22.19 0.58
CA GLY A 322 17.87 -22.59 0.75
C GLY A 322 17.15 -21.96 1.92
N ASP A 323 17.85 -21.25 2.80
CA ASP A 323 17.22 -20.56 3.92
C ASP A 323 16.33 -19.42 3.41
N TYR A 324 15.18 -19.24 4.06
CA TYR A 324 14.29 -18.12 3.74
C TYR A 324 14.46 -17.00 4.75
N VAL A 325 14.41 -15.76 4.27
CA VAL A 325 14.32 -14.58 5.13
C VAL A 325 13.27 -13.64 4.56
N THR A 326 12.92 -12.63 5.35
CA THR A 326 12.31 -11.45 4.76
C THR A 326 13.29 -10.29 4.89
N HIS A 327 13.28 -9.41 3.89
CA HIS A 327 14.08 -8.21 3.90
C HIS A 327 13.20 -7.08 3.38
N SER A 328 12.94 -6.09 4.23
CA SER A 328 12.05 -4.99 3.89
C SER A 328 10.70 -5.50 3.39
N GLY A 329 10.22 -6.58 3.99
CA GLY A 329 8.93 -7.12 3.70
C GLY A 329 8.90 -8.15 2.60
N THR A 330 9.98 -8.33 1.87
CA THR A 330 10.02 -9.24 0.74
C THR A 330 10.69 -10.56 1.14
N VAL A 331 10.11 -11.69 0.71
CA VAL A 331 10.65 -13.01 1.02
C VAL A 331 11.78 -13.32 0.05
N TYR A 332 12.91 -13.81 0.58
CA TYR A 332 14.06 -14.21 -0.23
C TYR A 332 14.57 -15.58 0.18
N LYS A 333 15.22 -16.26 -0.77
CA LYS A 333 15.80 -17.58 -0.55
C LYS A 333 17.29 -17.53 -0.85
N ALA A 334 18.11 -18.00 0.08
CA ALA A 334 19.56 -17.92 -0.09
C ALA A 334 20.06 -18.83 -1.21
N VAL A 335 20.89 -18.27 -2.09
CA VAL A 335 21.51 -19.02 -3.19
C VAL A 335 22.64 -19.89 -2.69
N THR A 336 23.43 -19.38 -1.75
CA THR A 336 24.60 -20.06 -1.25
C THR A 336 24.70 -19.82 0.25
N ALA A 337 25.39 -20.72 0.95
CA ALA A 337 25.71 -20.49 2.35
C ALA A 337 26.69 -19.33 2.47
N HIS A 338 26.44 -18.43 3.41
CA HIS A 338 27.25 -17.22 3.54
C HIS A 338 26.90 -16.53 4.86
N ILE A 339 27.73 -15.58 5.25
CA ILE A 339 27.44 -14.68 6.37
C ILE A 339 27.00 -13.34 5.80
N ALA A 340 25.86 -12.84 6.29
CA ALA A 340 25.31 -11.58 5.78
C ALA A 340 26.21 -10.41 6.13
N GLN A 341 26.46 -9.55 5.15
CA GLN A 341 27.23 -8.33 5.34
C GLN A 341 26.37 -7.13 4.97
N GLN A 342 26.65 -5.98 5.59
CA GLN A 342 25.74 -4.85 5.51
C GLN A 342 25.57 -4.32 4.09
N ASP A 343 26.59 -4.42 3.25
CA ASP A 343 26.48 -3.83 1.91
C ASP A 343 25.91 -4.78 0.89
N TRP A 344 25.70 -6.05 1.23
CA TRP A 344 25.22 -7.07 0.30
C TRP A 344 23.86 -7.60 0.79
N ALA A 345 22.83 -6.75 0.76
CA ALA A 345 21.52 -7.18 1.22
C ALA A 345 20.72 -7.83 0.09
N PRO A 346 19.68 -8.60 0.42
CA PRO A 346 18.81 -9.12 -0.64
C PRO A 346 18.23 -7.98 -1.45
N SER A 347 17.99 -8.24 -2.74
CA SER A 347 17.46 -7.23 -3.64
C SER A 347 17.07 -7.91 -4.95
N SER A 348 16.48 -7.12 -5.85
CA SER A 348 16.13 -7.60 -7.18
C SER A 348 17.33 -7.94 -8.04
N THR A 349 18.56 -7.61 -7.62
CA THR A 349 19.74 -7.92 -8.39
C THR A 349 20.79 -8.70 -7.60
N SER A 350 20.47 -9.10 -6.37
CA SER A 350 21.44 -9.80 -5.53
C SER A 350 21.81 -11.16 -6.10
N SER A 351 23.11 -11.48 -6.11
CA SER A 351 23.56 -12.83 -6.45
C SER A 351 23.41 -13.82 -5.29
N LEU A 352 23.19 -13.33 -4.07
CA LEU A 352 23.16 -14.18 -2.89
C LEU A 352 21.75 -14.67 -2.55
N TRP A 353 20.73 -14.09 -3.16
CA TRP A 353 19.34 -14.34 -2.81
C TRP A 353 18.50 -14.32 -4.07
N THR A 354 17.44 -15.13 -4.10
CA THR A 354 16.39 -14.90 -5.07
C THR A 354 15.10 -14.53 -4.35
N ASN A 355 14.26 -13.75 -5.03
CA ASN A 355 12.94 -13.43 -4.51
C ASN A 355 12.09 -14.69 -4.48
N ALA A 356 11.45 -14.96 -3.33
CA ALA A 356 10.57 -16.10 -3.16
C ALA A 356 9.25 -15.69 -2.50
N ASP A 357 8.77 -14.48 -2.78
CA ASP A 357 7.42 -14.09 -2.39
C ASP A 357 6.40 -15.10 -2.90
N PRO A 358 5.30 -15.29 -2.18
CA PRO A 358 4.22 -16.17 -2.67
C PRO A 358 3.34 -15.55 -3.75
N ALA A 359 3.74 -14.40 -4.32
CA ALA A 359 3.01 -13.74 -5.39
C ALA A 359 3.12 -14.52 -6.69
N THR A 360 2.17 -14.29 -7.60
CA THR A 360 2.18 -14.92 -8.91
C THR A 360 2.35 -13.94 -10.06
N ASN A 361 2.33 -12.64 -9.80
CA ASN A 361 2.76 -11.68 -10.82
C ASN A 361 4.22 -11.92 -11.15
N TRP A 362 4.57 -11.74 -12.42
CA TRP A 362 5.98 -11.82 -12.79
C TRP A 362 6.79 -10.82 -11.98
N THR A 363 7.93 -11.30 -11.46
CA THR A 363 8.74 -10.57 -10.50
C THR A 363 10.21 -10.81 -10.82
N LEU A 364 11.04 -9.80 -10.56
CA LEU A 364 12.47 -9.90 -10.85
C LEU A 364 13.18 -10.81 -9.86
N ASN A 365 14.22 -11.49 -10.34
CA ASN A 365 15.15 -12.26 -9.49
C ASN A 365 14.45 -13.42 -8.81
N VAL A 366 13.46 -14.03 -9.48
CA VAL A 366 12.77 -15.23 -9.01
C VAL A 366 13.33 -16.44 -9.73
N SER A 367 13.57 -17.53 -8.99
CA SER A 367 13.96 -18.79 -9.62
C SER A 367 12.71 -19.45 -10.14
N TYR A 368 12.43 -19.31 -11.44
CA TYR A 368 11.23 -19.89 -12.03
C TYR A 368 11.49 -21.31 -12.50
N GLU A 369 10.48 -22.15 -12.36
CA GLU A 369 10.58 -23.55 -12.71
C GLU A 369 9.57 -23.88 -13.81
N ALA A 370 9.84 -24.96 -14.54
CA ALA A 370 8.85 -25.44 -15.48
C ALA A 370 7.52 -25.61 -14.77
N GLY A 371 6.45 -25.20 -15.43
CA GLY A 371 5.14 -25.28 -14.85
C GLY A 371 4.65 -24.05 -14.14
N ASP A 372 5.56 -23.13 -13.79
CA ASP A 372 5.13 -21.91 -13.13
C ASP A 372 4.34 -21.03 -14.10
N VAL A 373 3.30 -20.40 -13.60
CA VAL A 373 2.50 -19.47 -14.39
C VAL A 373 2.62 -18.09 -13.74
N VAL A 374 2.96 -17.08 -14.55
CA VAL A 374 3.11 -15.71 -14.09
C VAL A 374 2.10 -14.83 -14.79
N THR A 375 1.75 -13.71 -14.13
CA THR A 375 0.88 -12.71 -14.72
C THR A 375 1.70 -11.45 -14.98
N TYR A 376 1.54 -10.88 -16.16
CA TYR A 376 2.33 -9.70 -16.55
C TYR A 376 1.50 -8.87 -17.52
N GLN A 377 1.31 -7.60 -17.18
CA GLN A 377 0.48 -6.71 -18.02
C GLN A 377 -0.88 -7.32 -18.29
N GLY A 378 -1.45 -7.98 -17.29
CA GLY A 378 -2.80 -8.53 -17.35
C GLY A 378 -2.92 -9.86 -18.08
N LEU A 379 -1.82 -10.45 -18.51
CA LEU A 379 -1.83 -11.68 -19.30
C LEU A 379 -1.05 -12.76 -18.55
N ARG A 380 -1.45 -14.01 -18.78
CA ARG A 380 -0.80 -15.15 -18.13
C ARG A 380 0.21 -15.80 -19.08
N TYR A 381 1.34 -16.23 -18.51
CA TYR A 381 2.42 -16.87 -19.24
C TYR A 381 2.91 -18.09 -18.46
N LEU A 382 3.18 -19.17 -19.18
CA LEU A 382 3.77 -20.36 -18.59
C LEU A 382 5.28 -20.32 -18.77
N VAL A 383 6.02 -20.68 -17.74
CA VAL A 383 7.48 -20.76 -17.87
C VAL A 383 7.85 -21.99 -18.69
N ASN A 384 8.53 -21.77 -19.82
CA ASN A 384 8.94 -22.86 -20.71
C ASN A 384 10.27 -23.48 -20.29
N VAL A 385 11.19 -22.64 -19.85
CA VAL A 385 12.55 -23.04 -19.54
C VAL A 385 12.83 -22.51 -18.15
N PRO A 386 13.23 -23.35 -17.19
CA PRO A 386 13.55 -22.80 -15.87
C PRO A 386 14.68 -21.78 -15.97
N HIS A 387 14.55 -20.71 -15.21
CA HIS A 387 15.51 -19.61 -15.26
C HIS A 387 15.25 -18.70 -14.09
N VAL A 388 16.23 -17.84 -13.81
CA VAL A 388 16.08 -16.77 -12.84
C VAL A 388 15.70 -15.51 -13.62
N SER A 389 14.58 -14.90 -13.26
CA SER A 389 14.09 -13.76 -14.02
C SER A 389 14.99 -12.55 -13.88
N GLN A 390 15.00 -11.71 -14.90
CA GLN A 390 15.76 -10.46 -14.90
C GLN A 390 15.04 -9.48 -15.80
N ALA A 391 15.45 -8.19 -15.73
CA ALA A 391 14.62 -7.11 -16.23
C ALA A 391 14.36 -7.20 -17.74
N ASP A 392 15.36 -7.63 -18.52
CA ASP A 392 15.19 -7.72 -19.96
C ASP A 392 14.26 -8.84 -20.38
N TRP A 393 13.99 -9.78 -19.48
CA TRP A 393 13.31 -11.04 -19.80
C TRP A 393 11.84 -10.97 -19.44
N THR A 394 11.19 -9.86 -19.78
CA THR A 394 9.77 -9.73 -19.54
C THR A 394 9.01 -10.78 -20.35
N PRO A 395 7.97 -11.38 -19.79
CA PRO A 395 7.35 -12.53 -20.45
C PRO A 395 6.73 -12.21 -21.80
N ASN A 396 6.31 -10.97 -22.03
CA ASN A 396 5.66 -10.64 -23.30
C ASN A 396 6.66 -10.67 -24.45
N THR A 397 7.94 -10.43 -24.19
CA THR A 397 8.95 -10.39 -25.23
C THR A 397 9.89 -11.59 -25.23
N GLN A 398 9.93 -12.39 -24.16
CA GLN A 398 10.86 -13.50 -24.05
C GLN A 398 10.14 -14.79 -24.46
N ASN A 399 10.07 -14.99 -25.79
CA ASN A 399 9.32 -16.12 -26.35
C ASN A 399 10.03 -17.45 -26.10
N THR A 400 11.34 -17.44 -25.88
CA THR A 400 12.02 -18.68 -25.55
C THR A 400 11.67 -19.14 -24.16
N LEU A 401 11.65 -18.21 -23.20
CA LEU A 401 11.48 -18.58 -21.81
C LEU A 401 10.03 -18.70 -21.38
N PHE A 402 9.11 -18.01 -22.05
CA PHE A 402 7.70 -17.99 -21.66
C PHE A 402 6.80 -18.27 -22.85
N THR A 403 5.67 -18.92 -22.57
CA THR A 403 4.63 -19.17 -23.57
C THR A 403 3.35 -18.51 -23.10
N ALA A 404 2.79 -17.61 -23.91
CA ALA A 404 1.53 -16.99 -23.52
C ALA A 404 0.40 -18.03 -23.45
N LEU A 405 -0.41 -17.94 -22.41
CA LEU A 405 -1.52 -18.87 -22.27
C LEU A 405 -2.81 -18.28 -22.83
N ALA B 3 23.70 14.64 -26.25
CA ALA B 3 23.04 15.07 -25.01
C ALA B 3 21.87 16.01 -25.29
N PRO B 4 20.69 15.69 -24.77
CA PRO B 4 19.51 16.50 -25.08
C PRO B 4 19.64 17.91 -24.55
N LYS B 5 18.90 18.81 -25.20
CA LYS B 5 18.72 20.15 -24.65
C LYS B 5 18.08 20.09 -23.27
N GLY B 6 17.19 19.13 -23.07
CA GLY B 6 16.52 18.96 -21.80
C GLY B 6 15.51 17.84 -21.92
N THR B 7 14.93 17.48 -20.78
CA THR B 7 13.93 16.44 -20.69
C THR B 7 12.59 17.06 -20.34
N ILE B 8 11.58 16.79 -21.15
CA ILE B 8 10.22 17.25 -20.88
C ILE B 8 9.44 16.07 -20.31
N TYR B 9 8.80 16.29 -19.17
CA TYR B 9 7.87 15.32 -18.60
C TYR B 9 6.47 15.82 -18.90
N LEU B 10 5.84 15.25 -19.93
CA LEU B 10 4.49 15.61 -20.29
C LEU B 10 3.53 14.87 -19.37
N THR B 11 2.77 15.61 -18.57
CA THR B 11 1.87 14.99 -17.60
C THR B 11 0.45 15.49 -17.82
N PHE B 12 -0.49 14.60 -17.60
CA PHE B 12 -1.91 14.82 -17.91
C PHE B 12 -2.71 14.58 -16.65
N ASP B 13 -3.50 15.58 -16.25
CA ASP B 13 -4.30 15.47 -15.04
C ASP B 13 -5.78 15.23 -15.36
N ASP B 14 -6.43 14.46 -14.50
CA ASP B 14 -7.88 14.38 -14.29
C ASP B 14 -8.57 13.34 -15.16
N GLY B 15 -7.85 12.55 -15.94
CA GLY B 15 -8.46 11.37 -16.56
C GLY B 15 -8.76 10.32 -15.50
N PRO B 16 -9.16 9.10 -15.93
CA PRO B 16 -9.35 8.65 -17.31
C PRO B 16 -10.73 9.03 -17.83
N ILE B 17 -10.78 9.73 -18.97
CA ILE B 17 -12.05 10.10 -19.59
C ILE B 17 -11.96 9.77 -21.07
N ASN B 18 -13.10 9.89 -21.79
CA ASN B 18 -13.11 9.52 -23.20
C ASN B 18 -11.98 10.22 -23.95
N ALA B 19 -11.77 11.50 -23.66
CA ALA B 19 -10.77 12.30 -24.37
C ALA B 19 -9.36 11.81 -24.12
N SER B 20 -9.14 11.03 -23.06
CA SER B 20 -7.83 10.45 -22.81
C SER B 20 -7.39 9.55 -23.96
N ILE B 21 -8.35 8.86 -24.58
CA ILE B 21 -8.04 7.92 -25.65
C ILE B 21 -7.39 8.65 -26.82
N ASP B 22 -8.01 9.76 -27.25
CA ASP B 22 -7.46 10.53 -28.36
C ASP B 22 -6.10 11.11 -28.03
N VAL B 23 -5.92 11.61 -26.80
CA VAL B 23 -4.61 12.11 -26.39
C VAL B 23 -3.57 10.99 -26.40
N ILE B 24 -3.93 9.84 -25.84
CA ILE B 24 -3.03 8.70 -25.84
C ILE B 24 -2.70 8.27 -27.27
N ASN B 25 -3.70 8.26 -28.16
CA ASN B 25 -3.41 7.88 -29.55
C ASN B 25 -2.40 8.83 -30.18
N VAL B 26 -2.54 10.14 -29.92
CA VAL B 26 -1.60 11.12 -30.46
C VAL B 26 -0.20 10.88 -29.91
N LEU B 27 -0.07 10.61 -28.61
CA LEU B 27 1.25 10.31 -28.07
C LEU B 27 1.85 9.08 -28.73
N ASN B 28 1.03 8.03 -28.88
CA ASN B 28 1.53 6.76 -29.40
C ASN B 28 1.96 6.88 -30.86
N GLU B 29 1.29 7.73 -31.63
CA GLU B 29 1.70 7.95 -33.02
C GLU B 29 3.16 8.38 -33.11
N GLN B 30 3.70 8.98 -32.05
CA GLN B 30 5.09 9.43 -32.04
C GLN B 30 5.93 8.73 -30.96
N GLY B 31 5.42 7.64 -30.39
CA GLY B 31 6.16 6.86 -29.43
C GLY B 31 6.48 7.56 -28.12
N VAL B 32 5.86 8.73 -27.88
CA VAL B 32 6.07 9.49 -26.65
C VAL B 32 5.24 8.88 -25.52
N LYS B 33 5.83 8.76 -24.33
CA LYS B 33 5.13 8.27 -23.15
C LYS B 33 4.81 9.42 -22.21
N GLY B 34 3.58 9.44 -21.71
CA GLY B 34 3.14 10.45 -20.77
C GLY B 34 2.93 9.86 -19.40
N THR B 35 2.73 10.76 -18.43
CA THR B 35 2.38 10.39 -17.07
C THR B 35 0.99 10.95 -16.82
N PHE B 36 0.11 10.08 -16.35
CA PHE B 36 -1.32 10.38 -16.21
C PHE B 36 -1.71 10.34 -14.74
N TYR B 37 -2.12 11.49 -14.22
CA TYR B 37 -2.52 11.63 -12.82
C TYR B 37 -4.04 11.48 -12.79
N PHE B 38 -4.52 10.29 -12.43
CA PHE B 38 -5.90 9.86 -12.66
C PHE B 38 -6.75 9.97 -11.41
N ASN B 39 -8.05 10.21 -11.64
CA ASN B 39 -9.10 10.26 -10.62
C ASN B 39 -10.08 9.14 -10.92
N ALA B 40 -10.16 8.12 -10.06
CA ALA B 40 -10.98 6.96 -10.43
C ALA B 40 -12.49 7.24 -10.39
N TRP B 41 -12.95 8.38 -9.88
CA TRP B 41 -14.40 8.62 -9.92
C TRP B 41 -14.94 8.63 -11.35
N HIS B 42 -14.09 8.84 -12.36
CA HIS B 42 -14.58 8.74 -13.74
C HIS B 42 -14.93 7.30 -14.12
N LEU B 43 -14.27 6.32 -13.52
CA LEU B 43 -14.64 4.92 -13.75
C LEU B 43 -16.01 4.63 -13.16
N ASP B 44 -16.35 5.30 -12.06
CA ASP B 44 -17.68 5.16 -11.46
C ASP B 44 -18.75 5.97 -12.20
N GLY B 45 -18.37 6.74 -13.21
CA GLY B 45 -19.32 7.53 -13.98
C GLY B 45 -19.87 8.77 -13.31
N ILE B 46 -19.22 9.29 -12.28
CA ILE B 46 -19.77 10.40 -11.50
C ILE B 46 -18.92 11.67 -11.59
N GLY B 47 -17.96 11.72 -12.51
CA GLY B 47 -17.02 12.83 -12.57
C GLY B 47 -17.40 13.92 -13.56
N ASP B 48 -18.62 13.88 -14.12
CA ASP B 48 -19.17 14.97 -14.94
C ASP B 48 -18.33 15.25 -16.18
N GLU B 49 -17.78 14.20 -16.78
CA GLU B 49 -17.15 14.30 -18.08
C GLU B 49 -17.75 13.22 -18.98
N ASN B 50 -17.45 13.31 -20.28
CA ASN B 50 -17.75 12.19 -21.17
C ASN B 50 -16.82 11.07 -20.78
N GLU B 51 -17.34 10.05 -20.12
CA GLU B 51 -16.43 9.11 -19.45
C GLU B 51 -16.92 7.67 -19.48
N ASP B 52 -17.87 7.32 -20.36
CA ASP B 52 -18.26 5.92 -20.48
C ASP B 52 -17.12 5.03 -20.96
N ARG B 53 -16.11 5.60 -21.63
CA ARG B 53 -14.93 4.85 -22.06
C ARG B 53 -13.76 4.99 -21.10
N ALA B 54 -14.03 5.37 -19.85
CA ALA B 54 -12.96 5.62 -18.89
C ALA B 54 -12.10 4.37 -18.67
N LEU B 55 -12.73 3.21 -18.49
CA LEU B 55 -11.94 2.01 -18.26
C LEU B 55 -11.14 1.63 -19.50
N GLU B 56 -11.75 1.73 -20.68
CA GLU B 56 -11.01 1.56 -21.93
C GLU B 56 -9.78 2.48 -21.97
N ALA B 57 -9.96 3.74 -21.56
CA ALA B 57 -8.84 4.68 -21.54
C ALA B 57 -7.74 4.25 -20.57
N LEU B 58 -8.12 3.79 -19.38
CA LEU B 58 -7.14 3.34 -18.40
C LEU B 58 -6.35 2.16 -18.93
N LYS B 59 -7.05 1.20 -19.54
CA LYS B 59 -6.38 0.03 -20.13
C LYS B 59 -5.45 0.45 -21.25
N LEU B 60 -5.88 1.42 -22.07
CA LEU B 60 -5.06 1.85 -23.19
C LEU B 60 -3.78 2.53 -22.71
N ALA B 61 -3.89 3.40 -21.71
CA ALA B 61 -2.69 4.00 -21.12
C ALA B 61 -1.71 2.92 -20.65
N LEU B 62 -2.23 1.92 -19.92
CA LEU B 62 -1.33 0.91 -19.36
C LEU B 62 -0.80 0.00 -20.46
N ASP B 63 -1.65 -0.40 -21.39
CA ASP B 63 -1.21 -1.33 -22.42
C ASP B 63 -0.20 -0.72 -23.38
N THR B 64 -0.15 0.61 -23.52
CA THR B 64 0.77 1.24 -24.44
C THR B 64 1.90 1.99 -23.73
N GLY B 65 2.12 1.69 -22.46
CA GLY B 65 3.37 2.03 -21.81
C GLY B 65 3.41 3.35 -21.07
N HIS B 66 2.26 4.00 -20.89
CA HIS B 66 2.22 5.26 -20.15
C HIS B 66 2.17 5.00 -18.65
N VAL B 67 2.62 5.98 -17.88
CA VAL B 67 2.67 5.82 -16.43
C VAL B 67 1.37 6.35 -15.84
N VAL B 68 0.76 5.55 -14.98
CA VAL B 68 -0.47 5.90 -14.27
C VAL B 68 -0.10 6.25 -12.83
N ALA B 69 -0.51 7.44 -12.38
CA ALA B 69 -0.19 7.95 -11.06
C ALA B 69 -1.47 8.40 -10.38
N ASN B 70 -1.34 8.79 -9.12
CA ASN B 70 -2.48 8.93 -8.21
C ASN B 70 -2.83 10.41 -8.01
N HIS B 71 -4.05 10.80 -8.40
CA HIS B 71 -4.50 12.19 -8.27
C HIS B 71 -5.68 12.34 -7.31
N SER B 72 -6.02 11.27 -6.58
CA SER B 72 -7.10 11.12 -5.60
C SER B 72 -8.37 10.63 -6.27
N TYR B 73 -9.28 10.04 -5.49
CA TYR B 73 -10.47 9.42 -6.08
C TYR B 73 -11.33 10.43 -6.84
N ALA B 74 -11.66 11.57 -6.22
CA ALA B 74 -12.63 12.49 -6.82
C ALA B 74 -12.14 13.93 -6.77
N HIS B 75 -10.82 14.15 -6.79
CA HIS B 75 -10.27 15.49 -6.96
C HIS B 75 -10.66 16.41 -5.82
N MET B 76 -10.82 15.84 -4.62
CA MET B 76 -11.22 16.58 -3.42
C MET B 76 -12.59 17.23 -3.55
N VAL B 77 -13.42 16.79 -4.49
CA VAL B 77 -14.69 17.46 -4.71
C VAL B 77 -15.64 17.26 -3.54
N HIS B 78 -15.42 16.26 -2.69
CA HIS B 78 -16.22 16.14 -1.48
C HIS B 78 -16.14 17.41 -0.63
N ASN B 79 -15.03 18.15 -0.72
CA ASN B 79 -14.89 19.39 0.04
C ASN B 79 -15.52 20.60 -0.63
N CYS B 80 -16.10 20.45 -1.82
CA CYS B 80 -16.75 21.52 -2.56
C CYS B 80 -18.27 21.54 -2.36
N VAL B 81 -18.83 20.50 -1.74
CA VAL B 81 -20.27 20.31 -1.62
C VAL B 81 -20.59 19.93 -0.18
N ASP B 82 -21.88 20.04 0.16
CA ASP B 82 -22.30 19.68 1.52
C ASP B 82 -22.29 18.18 1.72
N GLU B 83 -22.75 17.42 0.73
CA GLU B 83 -22.79 15.97 0.84
C GLU B 83 -22.36 15.36 -0.48
N PHE B 84 -21.26 14.60 -0.47
CA PHE B 84 -20.74 14.06 -1.72
C PHE B 84 -21.62 12.94 -2.22
N GLY B 85 -21.92 12.98 -3.51
CA GLY B 85 -22.76 12.01 -4.15
C GLY B 85 -22.52 12.03 -5.64
N PRO B 86 -23.38 11.37 -6.41
CA PRO B 86 -23.10 11.18 -7.84
C PRO B 86 -23.20 12.46 -8.68
N THR B 87 -23.79 13.56 -8.20
CA THR B 87 -23.83 14.78 -8.98
C THR B 87 -22.91 15.88 -8.43
N SER B 88 -22.11 15.57 -7.41
CA SER B 88 -21.25 16.59 -6.80
C SER B 88 -20.27 17.19 -7.81
N GLY B 89 -19.71 16.36 -8.69
CA GLY B 89 -18.80 16.88 -9.70
C GLY B 89 -19.46 17.90 -10.59
N ALA B 90 -20.68 17.61 -11.05
CA ALA B 90 -21.41 18.57 -11.87
C ALA B 90 -21.78 19.82 -11.07
N GLU B 91 -22.17 19.65 -9.80
CA GLU B 91 -22.50 20.82 -8.98
C GLU B 91 -21.28 21.73 -8.83
N CYS B 92 -20.12 21.15 -8.53
CA CYS B 92 -18.92 21.96 -8.33
C CYS B 92 -18.49 22.63 -9.64
N ASN B 93 -18.64 21.95 -10.78
CA ASN B 93 -18.37 22.60 -12.04
C ASN B 93 -19.33 23.76 -12.28
N ALA B 94 -20.57 23.65 -11.82
CA ALA B 94 -21.50 24.76 -12.00
C ALA B 94 -21.12 25.95 -11.12
N THR B 95 -20.75 25.70 -9.88
CA THR B 95 -20.42 26.80 -8.98
C THR B 95 -19.00 27.33 -9.17
N GLY B 96 -18.11 26.51 -9.71
CA GLY B 96 -16.72 26.89 -9.88
C GLY B 96 -15.95 27.00 -8.58
N ASP B 97 -16.42 26.39 -7.49
CA ASP B 97 -15.86 26.62 -6.18
C ASP B 97 -14.79 25.59 -5.81
N HIS B 98 -14.21 24.92 -6.79
CA HIS B 98 -13.25 23.84 -6.52
C HIS B 98 -12.18 24.24 -5.52
N GLN B 99 -11.64 25.44 -5.66
CA GLN B 99 -10.45 25.81 -4.89
C GLN B 99 -10.80 26.37 -3.52
N ILE B 100 -12.08 26.48 -3.20
CA ILE B 100 -12.54 27.09 -1.94
C ILE B 100 -12.81 25.97 -0.94
N ASN B 101 -12.09 26.01 0.18
CA ASN B 101 -12.16 24.97 1.20
C ASN B 101 -11.79 23.61 0.60
N ALA B 102 -10.86 23.62 -0.36
CA ALA B 102 -10.56 22.41 -1.13
C ALA B 102 -9.98 21.30 -0.27
N TYR B 103 -9.26 21.66 0.78
CA TYR B 103 -8.77 20.71 1.77
C TYR B 103 -9.33 21.09 3.13
N GLN B 104 -9.83 20.10 3.89
CA GLN B 104 -10.43 20.41 5.18
C GLN B 104 -9.86 19.51 6.26
N ASP B 105 -10.27 18.24 6.28
CA ASP B 105 -9.72 17.24 7.19
C ASP B 105 -8.60 16.54 6.45
N PRO B 106 -7.33 16.87 6.72
CA PRO B 106 -6.26 16.30 5.88
C PRO B 106 -6.18 14.79 5.97
N VAL B 107 -6.55 14.20 7.11
CA VAL B 107 -6.51 12.74 7.22
C VAL B 107 -7.51 12.12 6.25
N TYR B 108 -8.75 12.62 6.27
CA TYR B 108 -9.72 12.14 5.31
C TYR B 108 -9.28 12.43 3.87
N ASP B 109 -8.86 13.68 3.60
CA ASP B 109 -8.48 14.03 2.23
C ASP B 109 -7.37 13.12 1.71
N ALA B 110 -6.34 12.89 2.52
CA ALA B 110 -5.28 11.99 2.09
C ALA B 110 -5.82 10.59 1.83
N SER B 111 -6.77 10.14 2.65
CA SER B 111 -7.34 8.82 2.47
C SER B 111 -8.05 8.65 1.13
N THR B 112 -8.43 9.74 0.46
CA THR B 112 -9.04 9.56 -0.84
C THR B 112 -8.02 9.20 -1.91
N PHE B 113 -6.73 9.35 -1.63
CA PHE B 113 -5.71 8.76 -2.50
C PHE B 113 -5.69 7.24 -2.32
N ALA B 114 -5.82 6.77 -1.09
CA ALA B 114 -5.89 5.32 -0.88
C ALA B 114 -7.15 4.73 -1.50
N ASP B 115 -8.29 5.41 -1.31
CA ASP B 115 -9.53 5.00 -1.96
C ASP B 115 -9.35 4.90 -3.47
N ASN B 116 -8.61 5.82 -4.07
CA ASN B 116 -8.40 5.81 -5.51
C ASN B 116 -7.86 4.47 -5.97
N LEU B 117 -6.87 3.95 -5.24
CA LEU B 117 -6.21 2.71 -5.62
C LEU B 117 -7.16 1.53 -5.48
N VAL B 118 -7.95 1.54 -4.41
CA VAL B 118 -8.96 0.50 -4.23
C VAL B 118 -9.89 0.44 -5.45
N VAL B 119 -10.32 1.62 -5.93
CA VAL B 119 -11.23 1.64 -7.07
C VAL B 119 -10.53 1.19 -8.35
N PHE B 120 -9.27 1.60 -8.58
CA PHE B 120 -8.54 1.10 -9.75
C PHE B 120 -8.47 -0.42 -9.73
N GLU B 121 -8.14 -1.00 -8.57
CA GLU B 121 -7.94 -2.45 -8.45
C GLU B 121 -9.25 -3.22 -8.54
N ARG B 122 -10.39 -2.57 -8.28
CA ARG B 122 -11.67 -3.21 -8.50
C ARG B 122 -12.03 -3.25 -9.98
N TYR B 123 -11.79 -2.15 -10.72
CA TYR B 123 -12.17 -2.09 -12.14
C TYR B 123 -11.17 -2.80 -13.05
N LEU B 124 -9.90 -2.85 -12.67
CA LEU B 124 -8.86 -3.50 -13.46
C LEU B 124 -8.12 -4.42 -12.51
N PRO B 125 -8.65 -5.63 -12.27
CA PRO B 125 -8.10 -6.48 -11.21
C PRO B 125 -6.62 -6.81 -11.36
N ASN B 126 -6.06 -6.84 -12.56
CA ASN B 126 -4.65 -7.19 -12.70
C ASN B 126 -3.77 -5.95 -12.88
N ILE B 127 -4.22 -4.80 -12.38
CA ILE B 127 -3.48 -3.57 -12.64
C ILE B 127 -2.08 -3.61 -12.03
N ASN B 128 -1.91 -4.38 -10.96
CA ASN B 128 -0.57 -4.36 -10.29
C ASN B 128 0.44 -5.22 -11.07
N SER B 129 -0.05 -5.96 -12.08
CA SER B 129 0.88 -6.70 -12.93
C SER B 129 1.49 -5.85 -14.03
N TYR B 130 1.16 -4.56 -14.08
CA TYR B 130 1.75 -3.63 -15.03
C TYR B 130 2.91 -2.91 -14.38
N PRO B 131 4.10 -2.96 -14.99
CA PRO B 131 5.25 -2.23 -14.41
C PRO B 131 5.04 -0.73 -14.43
N ASN B 132 4.22 -0.21 -15.32
CA ASN B 132 3.99 1.24 -15.45
C ASN B 132 2.82 1.73 -14.61
N TYR B 133 2.24 0.89 -13.76
CA TYR B 133 1.26 1.35 -12.78
C TYR B 133 2.00 1.83 -11.56
N PHE B 134 1.98 3.14 -11.32
CA PHE B 134 2.67 3.75 -10.20
C PHE B 134 1.68 4.38 -9.22
N GLY B 135 0.46 3.84 -9.14
CA GLY B 135 -0.57 4.47 -8.31
C GLY B 135 -0.19 4.58 -6.84
N GLU B 136 0.62 3.64 -6.34
CA GLU B 136 0.98 3.65 -4.93
C GLU B 136 2.22 4.46 -4.64
N GLU B 137 2.92 4.93 -5.68
CA GLU B 137 4.24 5.52 -5.52
C GLU B 137 4.35 6.97 -5.96
N LEU B 138 3.49 7.44 -6.86
CA LEU B 138 3.56 8.78 -7.42
C LEU B 138 2.20 9.42 -7.32
N ALA B 139 2.17 10.66 -6.81
CA ALA B 139 0.91 11.37 -6.69
C ALA B 139 1.11 12.84 -7.05
N ARG B 140 -0.01 13.54 -7.22
CA ARG B 140 -0.02 14.98 -7.38
C ARG B 140 -1.32 15.48 -6.75
N LEU B 141 -1.22 16.49 -5.91
CA LEU B 141 -2.39 16.99 -5.19
C LEU B 141 -3.24 17.87 -6.10
N PRO B 142 -4.56 17.65 -6.14
CA PRO B 142 -5.45 18.61 -6.81
C PRO B 142 -5.16 20.05 -6.39
N TYR B 143 -5.14 20.94 -7.39
CA TYR B 143 -5.03 22.39 -7.27
C TYR B 143 -3.66 22.90 -6.87
N THR B 144 -2.69 22.03 -6.63
CA THR B 144 -1.58 22.39 -5.75
C THR B 144 -0.23 22.03 -6.35
N ASN B 145 0.60 23.05 -6.58
CA ASN B 145 1.96 22.86 -7.10
C ASN B 145 2.90 22.58 -5.92
N GLY B 146 2.65 21.44 -5.27
CA GLY B 146 3.46 20.98 -4.16
C GLY B 146 4.32 19.79 -4.55
N TRP B 147 5.49 19.69 -3.92
CA TRP B 147 6.49 18.69 -4.25
C TRP B 147 6.95 17.99 -2.98
N ARG B 148 7.10 16.67 -3.07
CA ARG B 148 7.75 15.83 -2.05
C ARG B 148 8.65 14.88 -2.84
N ILE B 149 9.93 15.25 -2.99
CA ILE B 149 10.86 14.52 -3.86
C ILE B 149 11.95 13.82 -3.03
N THR B 150 12.68 14.59 -2.22
CA THR B 150 13.67 14.02 -1.33
C THR B 150 13.50 14.68 0.03
N LYS B 151 14.24 14.13 1.00
CA LYS B 151 14.30 14.74 2.32
C LYS B 151 14.64 16.23 2.23
N ASP B 152 15.39 16.63 1.19
CA ASP B 152 15.82 18.02 1.03
C ASP B 152 15.27 18.68 -0.22
N PHE B 153 14.22 18.09 -0.81
CA PHE B 153 13.60 18.66 -2.03
C PHE B 153 12.09 18.61 -1.84
N LYS B 154 11.55 19.66 -1.25
CA LYS B 154 10.12 19.79 -1.01
C LYS B 154 9.67 21.19 -1.36
N ALA B 155 8.39 21.34 -1.67
CA ALA B 155 7.82 22.66 -1.91
C ALA B 155 6.33 22.55 -1.65
N ASP B 156 5.71 23.67 -1.26
CA ASP B 156 4.26 23.70 -1.08
C ASP B 156 3.66 24.87 -1.83
N GLY B 157 2.45 24.68 -2.34
CA GLY B 157 1.74 25.80 -2.93
C GLY B 157 1.01 26.63 -1.89
N LEU B 158 1.64 27.70 -1.41
CA LEU B 158 1.10 28.44 -0.26
C LEU B 158 -0.12 29.28 -0.60
N CYS B 159 -0.43 29.47 -1.88
CA CYS B 159 -1.62 30.19 -2.31
C CYS B 159 -2.54 29.32 -3.13
N ALA B 160 -2.38 27.99 -3.06
CA ALA B 160 -3.03 27.09 -4.02
C ALA B 160 -4.54 27.09 -3.85
N THR B 161 -5.02 27.07 -2.62
CA THR B 161 -6.46 27.01 -2.34
C THR B 161 -6.78 28.07 -1.28
N SER B 162 -8.07 28.35 -1.13
CA SER B 162 -8.51 29.52 -0.38
C SER B 162 -9.60 29.13 0.62
N ASP B 163 -9.78 29.94 1.66
CA ASP B 163 -10.91 29.74 2.56
C ASP B 163 -12.13 30.56 2.17
N ASP B 164 -12.02 31.43 1.17
CA ASP B 164 -13.20 32.21 0.79
C ASP B 164 -13.13 32.74 -0.63
N LEU B 165 -12.15 33.59 -0.93
CA LEU B 165 -12.09 34.30 -2.20
C LEU B 165 -11.20 33.56 -3.19
N LYS B 166 -11.51 33.73 -4.47
CA LYS B 166 -10.68 33.18 -5.53
C LYS B 166 -9.59 34.17 -5.91
N PRO B 167 -8.46 33.68 -6.40
CA PRO B 167 -7.30 34.58 -6.62
C PRO B 167 -7.58 35.77 -7.51
N TRP B 168 -8.50 35.64 -8.46
CA TRP B 168 -8.82 36.77 -9.34
C TRP B 168 -9.86 37.72 -8.76
N GLU B 169 -10.69 37.27 -7.83
CA GLU B 169 -11.72 38.11 -7.27
C GLU B 169 -11.13 39.25 -6.45
N PRO B 170 -11.87 40.35 -6.30
CA PRO B 170 -11.31 41.51 -5.62
C PRO B 170 -11.33 41.35 -4.10
N GLY B 171 -10.22 41.74 -3.48
CA GLY B 171 -10.03 41.57 -2.05
C GLY B 171 -9.26 40.33 -1.66
N TYR B 172 -8.99 39.45 -2.63
CA TYR B 172 -8.20 38.26 -2.33
C TYR B 172 -6.82 38.66 -1.85
N VAL B 173 -6.37 38.00 -0.79
CA VAL B 173 -5.02 38.19 -0.26
C VAL B 173 -4.44 36.83 0.07
N CYS B 174 -3.22 36.57 -0.36
CA CYS B 174 -2.47 35.40 0.05
C CYS B 174 -1.36 35.84 0.98
N ASP B 175 -1.48 35.48 2.25
CA ASP B 175 -0.45 35.77 3.24
C ASP B 175 0.45 34.54 3.32
N LEU B 176 1.65 34.65 2.74
CA LEU B 176 2.58 33.52 2.73
C LEU B 176 3.01 33.12 4.13
N ASP B 177 2.90 34.02 5.10
CA ASP B 177 3.27 33.70 6.47
C ASP B 177 2.11 33.13 7.27
N ASN B 178 0.88 33.31 6.81
CA ASN B 178 -0.30 32.74 7.45
C ASN B 178 -1.21 32.27 6.33
N PRO B 179 -0.89 31.14 5.72
CA PRO B 179 -1.69 30.65 4.59
C PRO B 179 -3.09 30.25 5.03
N SER B 180 -3.95 30.08 4.03
CA SER B 180 -5.33 29.69 4.29
C SER B 180 -5.40 28.36 5.03
N ASN B 181 -6.53 28.13 5.71
CA ASN B 181 -6.74 26.83 6.35
C ASN B 181 -6.69 25.70 5.33
N SER B 182 -7.20 25.94 4.12
CA SER B 182 -7.16 24.92 3.08
C SER B 182 -5.72 24.59 2.70
N VAL B 183 -4.89 25.62 2.56
CA VAL B 183 -3.49 25.37 2.23
C VAL B 183 -2.81 24.60 3.35
N LYS B 184 -3.07 24.96 4.61
CA LYS B 184 -2.45 24.24 5.72
C LYS B 184 -2.85 22.78 5.71
N ALA B 185 -4.13 22.50 5.42
CA ALA B 185 -4.57 21.13 5.34
C ALA B 185 -3.88 20.40 4.18
N SER B 186 -3.69 21.08 3.04
CA SER B 186 -3.04 20.44 1.90
C SER B 186 -1.57 20.13 2.17
N ILE B 187 -0.90 20.95 2.97
CA ILE B 187 0.46 20.61 3.38
C ILE B 187 0.45 19.32 4.19
N GLU B 188 -0.51 19.18 5.11
CA GLU B 188 -0.57 17.94 5.88
C GLU B 188 -0.81 16.74 4.98
N VAL B 189 -1.66 16.91 3.96
CA VAL B 189 -1.90 15.81 3.02
C VAL B 189 -0.60 15.38 2.35
N GLN B 190 0.19 16.35 1.90
CA GLN B 190 1.49 16.03 1.30
C GLN B 190 2.32 15.16 2.24
N ASN B 191 2.36 15.55 3.52
CA ASN B 191 3.19 14.85 4.49
C ASN B 191 2.66 13.46 4.76
N ILE B 192 1.34 13.31 4.80
CA ILE B 192 0.74 11.98 4.99
C ILE B 192 1.13 11.07 3.85
N LEU B 193 1.01 11.57 2.61
CA LEU B 193 1.38 10.75 1.45
C LEU B 193 2.85 10.40 1.45
N ALA B 194 3.72 11.37 1.76
CA ALA B 194 5.14 11.07 1.79
C ALA B 194 5.45 9.99 2.81
N ASN B 195 4.72 9.96 3.92
CA ASN B 195 4.94 8.91 4.93
C ASN B 195 4.43 7.55 4.49
N LYS B 196 3.56 7.49 3.48
CA LYS B 196 3.14 6.24 2.89
C LYS B 196 4.00 5.82 1.70
N GLY B 197 5.08 6.56 1.42
CA GLY B 197 6.00 6.19 0.37
C GLY B 197 5.81 6.89 -0.95
N TYR B 198 4.91 7.86 -1.01
CA TYR B 198 4.73 8.61 -2.24
C TYR B 198 5.81 9.66 -2.43
N GLN B 199 6.17 9.90 -3.68
CA GLN B 199 6.66 11.20 -4.10
C GLN B 199 5.51 11.97 -4.71
N THR B 200 5.52 13.29 -4.55
CA THR B 200 4.56 14.14 -5.25
C THR B 200 5.31 15.13 -6.11
N HIS B 201 4.81 15.34 -7.32
CA HIS B 201 5.42 16.23 -8.28
C HIS B 201 4.42 17.30 -8.68
N GLY B 202 4.87 18.56 -8.68
CA GLY B 202 4.10 19.65 -9.24
C GLY B 202 4.43 19.86 -10.70
N TRP B 203 4.59 21.11 -11.15
CA TRP B 203 4.82 21.37 -12.56
C TRP B 203 5.58 22.69 -12.73
N ASP B 204 6.24 22.81 -13.89
CA ASP B 204 6.99 23.99 -14.32
C ASP B 204 6.14 24.92 -15.19
N VAL B 205 5.31 24.33 -16.05
CA VAL B 205 4.50 25.04 -17.03
C VAL B 205 3.16 24.33 -17.16
N ASP B 206 2.10 25.10 -17.39
CA ASP B 206 0.74 24.58 -17.45
C ASP B 206 0.16 24.91 -18.83
N TRP B 207 0.04 23.91 -19.69
CA TRP B 207 -0.49 24.09 -21.05
C TRP B 207 -2.00 24.25 -20.93
N SER B 208 -2.43 25.51 -20.98
CA SER B 208 -3.82 25.84 -20.67
C SER B 208 -4.33 26.97 -21.58
N PRO B 209 -5.63 27.24 -21.56
CA PRO B 209 -6.14 28.39 -22.27
C PRO B 209 -5.34 29.63 -21.98
N GLU B 210 -5.10 30.41 -23.03
CA GLU B 210 -4.43 31.71 -22.86
C GLU B 210 -5.50 32.72 -22.45
N ASN B 211 -6.76 32.40 -22.76
CA ASN B 211 -7.87 33.33 -22.46
C ASN B 211 -9.08 32.61 -21.87
N TRP B 212 -9.32 32.83 -20.57
CA TRP B 212 -10.41 32.14 -19.86
C TRP B 212 -11.70 33.00 -19.92
N GLY B 213 -11.59 34.23 -20.42
CA GLY B 213 -12.75 35.13 -20.49
C GLY B 213 -13.64 34.84 -21.68
N ILE B 214 -13.23 33.99 -22.61
CA ILE B 214 -14.02 33.77 -23.85
C ILE B 214 -15.03 32.61 -23.68
N PRO B 215 -16.05 32.43 -24.56
CA PRO B 215 -17.06 31.37 -24.38
C PRO B 215 -16.50 29.97 -24.52
N MET B 216 -15.59 29.72 -25.47
CA MET B 216 -14.98 28.41 -25.67
C MET B 216 -13.51 28.46 -25.26
N PRO B 217 -13.19 28.52 -23.96
CA PRO B 217 -11.80 28.80 -23.57
C PRO B 217 -10.80 27.77 -24.08
N ALA B 218 -11.22 26.52 -24.27
CA ALA B 218 -10.28 25.51 -24.77
C ALA B 218 -9.70 25.90 -26.12
N ASN B 219 -10.45 26.69 -26.91
CA ASN B 219 -9.94 27.10 -28.21
C ASN B 219 -8.68 27.93 -28.10
N SER B 220 -8.45 28.58 -26.96
CA SER B 220 -7.32 29.48 -26.78
C SER B 220 -6.08 28.78 -26.23
N LEU B 221 -6.05 27.46 -26.22
CA LEU B 221 -4.86 26.74 -25.80
C LEU B 221 -3.65 27.21 -26.58
N THR B 222 -2.53 27.40 -25.87
CA THR B 222 -1.31 27.94 -26.49
C THR B 222 -0.90 27.13 -27.71
N GLU B 223 -0.63 27.82 -28.82
CA GLU B 223 -0.16 27.13 -30.01
C GLU B 223 1.17 26.45 -29.73
N ALA B 224 1.46 25.39 -30.49
CA ALA B 224 2.64 24.56 -30.21
C ALA B 224 3.92 25.39 -30.25
N GLU B 225 4.07 26.25 -31.26
CA GLU B 225 5.28 27.06 -31.36
C GLU B 225 5.45 27.93 -30.12
N ALA B 226 4.41 28.66 -29.75
CA ALA B 226 4.50 29.52 -28.57
C ALA B 226 4.75 28.68 -27.31
N PHE B 227 4.07 27.55 -27.19
CA PHE B 227 4.25 26.75 -25.98
C PHE B 227 5.68 26.22 -25.87
N LEU B 228 6.24 25.74 -26.99
CA LEU B 228 7.65 25.36 -26.95
C LEU B 228 8.50 26.49 -26.42
N GLY B 229 8.13 27.74 -26.71
CA GLY B 229 8.84 28.88 -26.16
C GLY B 229 8.73 28.98 -24.64
N TYR B 230 7.54 28.70 -24.09
CA TYR B 230 7.40 28.65 -22.63
C TYR B 230 8.31 27.58 -22.02
N VAL B 231 8.42 26.44 -22.70
CA VAL B 231 9.27 25.36 -22.20
C VAL B 231 10.73 25.77 -22.23
N ASP B 232 11.17 26.38 -23.34
CA ASP B 232 12.52 26.93 -23.44
C ASP B 232 12.79 27.86 -22.26
N ALA B 233 11.83 28.75 -21.97
CA ALA B 233 12.03 29.72 -20.90
C ALA B 233 12.04 29.05 -19.53
N ALA B 234 11.24 28.00 -19.34
CA ALA B 234 11.18 27.36 -18.03
C ALA B 234 12.47 26.62 -17.71
N LEU B 235 13.22 26.22 -18.74
CA LEU B 235 14.42 25.41 -18.55
C LEU B 235 15.40 26.11 -17.60
N ASN B 236 15.71 25.46 -16.49
CA ASN B 236 16.74 25.94 -15.56
C ASN B 236 16.47 27.35 -15.06
N SER B 237 15.20 27.71 -14.88
CA SER B 237 14.86 29.06 -14.42
C SER B 237 13.93 29.03 -13.21
N CYS B 238 13.85 27.90 -12.51
CA CYS B 238 12.99 27.77 -11.33
C CYS B 238 11.55 28.13 -11.67
N ALA B 239 11.06 27.63 -12.80
CA ALA B 239 9.71 27.95 -13.24
C ALA B 239 8.63 27.70 -12.19
N PRO B 240 8.71 26.67 -11.33
CA PRO B 240 7.62 26.47 -10.37
C PRO B 240 7.41 27.64 -9.43
N THR B 241 8.42 28.49 -9.22
CA THR B 241 8.24 29.63 -8.32
C THR B 241 7.84 30.92 -9.04
N THR B 242 8.19 31.06 -10.32
CA THR B 242 7.86 32.24 -11.10
C THR B 242 6.54 32.13 -11.85
N ILE B 243 5.95 30.93 -11.89
CA ILE B 243 4.77 30.68 -12.71
C ILE B 243 3.61 31.54 -12.24
N ASN B 244 2.74 31.91 -13.19
CA ASN B 244 1.47 32.53 -12.88
C ASN B 244 0.34 31.61 -13.31
N PRO B 245 -0.82 31.68 -12.65
CA PRO B 245 -1.17 32.63 -11.57
C PRO B 245 -0.60 32.25 -10.21
N ILE B 246 -0.91 33.08 -9.21
CA ILE B 246 -0.30 32.93 -7.88
C ILE B 246 -0.69 31.60 -7.25
N ASN B 247 -1.90 31.10 -7.53
CA ASN B 247 -2.32 29.82 -6.96
C ASN B 247 -1.62 28.64 -7.61
N SER B 248 -0.81 28.86 -8.62
CA SER B 248 -0.02 27.80 -9.23
C SER B 248 1.42 27.82 -8.79
N LYS B 249 1.82 28.76 -7.93
CA LYS B 249 3.22 28.83 -7.52
C LYS B 249 3.55 27.73 -6.51
N ALA B 250 4.80 27.25 -6.59
CA ALA B 250 5.38 26.30 -5.63
C ALA B 250 6.37 27.05 -4.76
N HIS B 251 5.97 27.35 -3.52
CA HIS B 251 6.82 28.11 -2.61
C HIS B 251 7.80 27.20 -1.89
N GLY B 252 9.03 27.69 -1.74
CA GLY B 252 10.08 26.90 -1.17
C GLY B 252 10.80 25.97 -2.12
N PHE B 253 10.39 25.93 -3.39
CA PHE B 253 11.05 25.08 -4.37
C PHE B 253 12.53 25.40 -4.38
N PRO B 254 13.42 24.41 -4.28
CA PRO B 254 14.85 24.71 -4.19
C PRO B 254 15.46 25.04 -5.54
N CYS B 255 15.43 26.32 -5.92
CA CYS B 255 15.93 26.72 -7.24
C CYS B 255 17.34 26.20 -7.46
N GLY B 256 17.60 25.70 -8.66
CA GLY B 256 18.91 25.19 -9.01
C GLY B 256 19.23 23.82 -8.47
N THR B 257 18.33 23.19 -7.74
CA THR B 257 18.61 21.88 -7.17
C THR B 257 19.01 20.92 -8.30
N PRO B 258 20.10 20.16 -8.15
CA PRO B 258 20.59 19.34 -9.28
C PRO B 258 19.56 18.38 -9.83
N LEU B 259 18.65 17.87 -8.99
CA LEU B 259 17.67 16.91 -9.46
C LEU B 259 16.71 17.52 -10.47
N HIS B 260 16.59 18.84 -10.51
CA HIS B 260 15.68 19.50 -11.44
C HIS B 260 16.41 20.13 -12.63
N ALA B 261 17.73 20.02 -12.70
CA ALA B 261 18.47 20.64 -13.78
C ALA B 261 18.09 20.06 -15.13
N ASP B 262 17.88 20.93 -16.11
CA ASP B 262 17.63 20.54 -17.49
C ASP B 262 16.32 19.75 -17.63
N LYS B 263 15.33 20.06 -16.78
CA LYS B 263 14.06 19.35 -16.80
C LYS B 263 12.91 20.35 -16.78
N VAL B 264 11.83 20.01 -17.49
CA VAL B 264 10.60 20.80 -17.48
C VAL B 264 9.45 19.82 -17.32
N VAL B 265 8.71 19.94 -16.22
CA VAL B 265 7.48 19.18 -16.05
C VAL B 265 6.33 20.01 -16.58
N VAL B 266 5.60 19.47 -17.55
CA VAL B 266 4.48 20.13 -18.20
C VAL B 266 3.18 19.54 -17.67
N LEU B 267 2.28 20.40 -17.21
CA LEU B 267 0.94 20.01 -16.80
C LEU B 267 -0.06 20.35 -17.89
N THR B 268 -0.93 19.41 -18.24
CA THR B 268 -2.10 19.74 -19.06
C THR B 268 -3.21 18.77 -18.69
N HIS B 269 -4.37 18.91 -19.35
CA HIS B 269 -5.57 18.15 -19.02
C HIS B 269 -6.20 17.62 -20.30
N GLU B 270 -6.47 16.31 -20.35
CA GLU B 270 -7.06 15.73 -21.55
C GLU B 270 -8.39 16.38 -21.90
N PHE B 271 -9.13 16.88 -20.90
CA PHE B 271 -10.42 17.45 -21.27
C PHE B 271 -10.27 18.72 -22.11
N LEU B 272 -9.05 19.28 -22.22
CA LEU B 272 -8.81 20.40 -23.12
C LEU B 272 -8.67 19.98 -24.57
N TYR B 273 -8.67 18.68 -24.86
CA TYR B 273 -8.45 18.14 -26.20
C TYR B 273 -9.68 17.39 -26.69
N GLU B 274 -10.85 17.89 -26.29
CA GLU B 274 -12.14 17.28 -26.57
C GLU B 274 -13.06 18.33 -27.19
N ASP B 275 -13.80 17.94 -28.22
CA ASP B 275 -14.87 18.77 -28.75
C ASP B 275 -16.09 18.66 -27.83
N GLY B 276 -16.52 19.77 -27.27
CA GLY B 276 -17.60 19.71 -26.30
C GLY B 276 -17.87 21.05 -25.63
N LYS B 277 -18.36 21.01 -24.39
CA LYS B 277 -18.82 22.24 -23.76
C LYS B 277 -17.70 23.22 -23.46
N ARG B 278 -16.44 22.77 -23.49
CA ARG B 278 -15.30 23.67 -23.29
C ARG B 278 -14.79 24.29 -24.58
N GLY B 279 -15.22 23.81 -25.73
CA GLY B 279 -14.76 24.33 -26.99
C GLY B 279 -14.45 23.20 -27.94
N MET B 280 -13.77 23.54 -29.03
CA MET B 280 -13.41 22.57 -30.06
C MET B 280 -12.00 22.02 -29.81
N GLY B 281 -11.86 21.38 -28.65
CA GLY B 281 -10.54 20.97 -28.19
C GLY B 281 -9.93 19.87 -29.03
N ALA B 282 -10.75 18.92 -29.49
CA ALA B 282 -10.21 17.83 -30.31
C ALA B 282 -9.85 18.35 -31.69
N THR B 283 -10.73 19.13 -32.30
CA THR B 283 -10.46 19.65 -33.63
C THR B 283 -9.27 20.59 -33.62
N GLN B 284 -9.21 21.50 -32.64
CA GLN B 284 -8.18 22.54 -32.66
C GLN B 284 -6.93 22.18 -31.87
N ASN B 285 -7.04 21.37 -30.82
CA ASN B 285 -5.92 21.21 -29.89
C ASN B 285 -5.15 19.92 -30.04
N LEU B 286 -5.79 18.82 -30.47
CA LEU B 286 -5.02 17.62 -30.75
C LEU B 286 -3.96 17.88 -31.82
N PRO B 287 -4.20 18.71 -32.84
CA PRO B 287 -3.10 19.08 -33.76
C PRO B 287 -1.99 19.87 -33.09
N LYS B 288 -2.32 20.70 -32.09
CA LYS B 288 -1.27 21.43 -31.37
C LYS B 288 -0.40 20.47 -30.58
N LEU B 289 -1.02 19.48 -29.93
CA LEU B 289 -0.27 18.46 -29.22
C LEU B 289 0.65 17.71 -30.18
N ALA B 290 0.09 17.18 -31.27
CA ALA B 290 0.90 16.47 -32.25
C ALA B 290 2.09 17.32 -32.70
N LYS B 291 1.83 18.58 -33.04
CA LYS B 291 2.92 19.42 -33.54
C LYS B 291 3.96 19.68 -32.46
N PHE B 292 3.52 19.87 -31.21
CA PHE B 292 4.47 20.16 -30.14
C PHE B 292 5.44 19.00 -29.93
N LEU B 293 4.95 17.76 -29.93
CA LEU B 293 5.84 16.62 -29.80
C LEU B 293 6.89 16.63 -30.90
N ARG B 294 6.46 16.87 -32.14
CA ARG B 294 7.40 16.88 -33.26
C ARG B 294 8.45 17.96 -33.09
N ILE B 295 8.01 19.20 -32.86
CA ILE B 295 8.95 20.32 -32.87
C ILE B 295 9.82 20.34 -31.62
N ALA B 296 9.31 19.84 -30.48
CA ALA B 296 10.14 19.76 -29.29
C ALA B 296 11.30 18.81 -29.50
N LYS B 297 11.06 17.68 -30.17
CA LYS B 297 12.14 16.74 -30.47
C LYS B 297 13.10 17.31 -31.49
N GLU B 298 12.57 17.97 -32.53
CA GLU B 298 13.45 18.66 -33.47
C GLU B 298 14.35 19.65 -32.75
N ALA B 299 13.84 20.28 -31.69
CA ALA B 299 14.56 21.32 -30.98
C ALA B 299 15.60 20.79 -30.01
N GLY B 300 15.70 19.47 -29.83
CA GLY B 300 16.69 18.89 -28.95
C GLY B 300 16.15 18.30 -27.66
N TYR B 301 14.85 18.37 -27.44
CA TYR B 301 14.30 17.82 -26.20
C TYR B 301 14.01 16.34 -26.36
N VAL B 302 13.98 15.64 -25.24
CA VAL B 302 13.50 14.27 -25.16
C VAL B 302 12.38 14.23 -24.13
N PHE B 303 11.50 13.25 -24.29
CA PHE B 303 10.33 13.08 -23.42
C PHE B 303 10.54 11.90 -22.48
N ASP B 304 10.15 12.06 -21.22
CA ASP B 304 10.26 10.96 -20.27
C ASP B 304 9.07 11.00 -19.32
N THR B 305 8.98 9.96 -18.49
CA THR B 305 7.89 9.82 -17.54
C THR B 305 8.39 10.05 -16.12
N ILE B 306 7.44 10.36 -15.22
CA ILE B 306 7.82 10.89 -13.90
C ILE B 306 8.48 9.83 -13.04
N ASP B 307 8.25 8.55 -13.31
CA ASP B 307 8.95 7.49 -12.60
C ASP B 307 10.46 7.51 -12.86
N ASN B 308 10.92 8.25 -13.87
CA ASN B 308 12.35 8.42 -14.14
C ASN B 308 12.87 9.80 -13.77
N TYR B 309 12.02 10.68 -13.22
CA TYR B 309 12.45 12.01 -12.80
C TYR B 309 13.58 11.91 -11.78
N THR B 310 13.41 11.07 -10.77
CA THR B 310 14.54 10.63 -9.95
C THR B 310 15.08 9.36 -10.57
N PRO B 311 16.33 9.34 -11.03
CA PRO B 311 16.80 8.19 -11.82
C PRO B 311 16.77 6.89 -11.01
N VAL B 312 16.28 5.82 -11.66
CA VAL B 312 16.27 4.51 -11.03
C VAL B 312 17.70 3.99 -10.95
N TRP B 313 18.07 3.44 -9.79
CA TRP B 313 19.39 2.86 -9.62
C TRP B 313 19.65 1.77 -10.66
N GLN B 314 20.85 1.77 -11.22
CA GLN B 314 21.19 0.83 -12.29
C GLN B 314 22.59 0.28 -12.09
N VAL B 315 22.70 -1.06 -12.15
CA VAL B 315 24.01 -1.70 -12.11
C VAL B 315 24.89 -1.14 -13.22
N GLY B 316 26.16 -0.90 -12.91
CA GLY B 316 27.10 -0.38 -13.87
C GLY B 316 27.13 1.13 -14.00
N ASN B 317 26.19 1.85 -13.39
CA ASN B 317 26.24 3.30 -13.44
C ASN B 317 27.24 3.83 -12.42
N ALA B 318 27.91 4.91 -12.78
CA ALA B 318 28.80 5.62 -11.87
C ALA B 318 28.00 6.68 -11.15
N TYR B 319 28.13 6.71 -9.82
CA TYR B 319 27.42 7.68 -9.00
C TYR B 319 28.43 8.55 -8.28
N ALA B 320 28.19 9.86 -8.30
CA ALA B 320 28.95 10.78 -7.48
C ALA B 320 28.31 10.88 -6.11
N ALA B 321 29.12 11.17 -5.10
CA ALA B 321 28.55 11.42 -3.79
C ALA B 321 27.48 12.51 -3.90
N GLY B 322 26.36 12.30 -3.23
CA GLY B 322 25.24 13.22 -3.28
C GLY B 322 24.23 13.00 -4.39
N ASP B 323 24.51 12.09 -5.33
CA ASP B 323 23.53 11.74 -6.35
C ASP B 323 22.30 11.08 -5.72
N TYR B 324 21.12 11.39 -6.24
CA TYR B 324 19.88 10.74 -5.85
C TYR B 324 19.44 9.70 -6.88
N VAL B 325 18.91 8.58 -6.38
CA VAL B 325 18.30 7.52 -7.18
C VAL B 325 17.06 7.05 -6.44
N THR B 326 16.24 6.25 -7.11
CA THR B 326 15.28 5.41 -6.42
C THR B 326 15.65 3.95 -6.62
N HIS B 327 15.38 3.15 -5.60
CA HIS B 327 15.62 1.72 -5.67
C HIS B 327 14.42 1.05 -5.03
N SER B 328 13.70 0.25 -5.81
CA SER B 328 12.47 -0.39 -5.33
C SER B 328 11.54 0.62 -4.68
N GLY B 329 11.46 1.81 -5.27
CA GLY B 329 10.52 2.84 -4.89
C GLY B 329 11.03 3.80 -3.82
N THR B 330 12.17 3.53 -3.22
CA THR B 330 12.70 4.32 -2.12
C THR B 330 13.80 5.23 -2.64
N VAL B 331 13.80 6.48 -2.17
CA VAL B 331 14.81 7.47 -2.57
C VAL B 331 16.06 7.27 -1.73
N TYR B 332 17.21 7.27 -2.38
CA TYR B 332 18.50 7.14 -1.70
C TYR B 332 19.46 8.21 -2.21
N LYS B 333 20.42 8.57 -1.36
CA LYS B 333 21.45 9.55 -1.71
C LYS B 333 22.80 8.87 -1.54
N ALA B 334 23.66 8.99 -2.56
CA ALA B 334 24.95 8.30 -2.54
C ALA B 334 25.87 8.91 -1.49
N VAL B 335 26.47 8.06 -0.65
CA VAL B 335 27.37 8.53 0.40
C VAL B 335 28.75 8.86 -0.18
N THR B 336 29.21 8.06 -1.14
CA THR B 336 30.53 8.22 -1.71
C THR B 336 30.45 7.80 -3.17
N ALA B 337 31.32 8.39 -3.98
CA ALA B 337 31.36 8.04 -5.40
C ALA B 337 31.77 6.58 -5.58
N HIS B 338 31.06 5.87 -6.45
CA HIS B 338 31.34 4.47 -6.72
C HIS B 338 30.61 4.09 -8.00
N ILE B 339 30.94 2.91 -8.51
CA ILE B 339 30.20 2.29 -9.60
C ILE B 339 29.30 1.21 -9.00
N ALA B 340 28.01 1.29 -9.31
CA ALA B 340 27.04 0.33 -8.80
C ALA B 340 27.28 -1.05 -9.38
N GLN B 341 27.20 -2.06 -8.52
CA GLN B 341 27.25 -3.46 -8.94
C GLN B 341 26.10 -4.22 -8.32
N GLN B 342 25.80 -5.39 -8.90
CA GLN B 342 24.51 -6.04 -8.64
C GLN B 342 24.32 -6.33 -7.15
N ASP B 343 25.38 -6.66 -6.41
CA ASP B 343 25.22 -7.02 -5.01
C ASP B 343 25.23 -5.80 -4.07
N TRP B 344 25.51 -4.61 -4.58
CA TRP B 344 25.66 -3.40 -3.77
C TRP B 344 24.49 -2.43 -3.97
N ALA B 345 23.27 -2.93 -3.99
CA ALA B 345 22.13 -2.05 -4.15
C ALA B 345 21.87 -1.28 -2.86
N PRO B 346 21.22 -0.12 -2.97
CA PRO B 346 20.85 0.62 -1.78
C PRO B 346 19.96 -0.22 -0.88
N SER B 347 20.06 0.02 0.43
CA SER B 347 19.25 -0.70 1.40
C SER B 347 19.26 0.07 2.70
N SER B 348 18.56 -0.48 3.70
CA SER B 348 18.53 0.07 5.03
C SER B 348 19.84 -0.12 5.79
N THR B 349 20.76 -0.93 5.28
CA THR B 349 22.06 -1.12 5.93
C THR B 349 23.24 -0.71 5.05
N SER B 350 23.01 -0.28 3.82
CA SER B 350 24.13 -0.01 2.91
C SER B 350 25.00 1.13 3.42
N SER B 351 26.32 0.92 3.40
CA SER B 351 27.26 2.01 3.66
C SER B 351 27.42 2.97 2.47
N LEU B 352 26.94 2.60 1.28
CA LEU B 352 27.10 3.42 0.08
C LEU B 352 26.00 4.45 -0.12
N TRP B 353 24.90 4.32 0.62
CA TRP B 353 23.69 5.08 0.37
C TRP B 353 23.04 5.41 1.70
N THR B 354 22.34 6.54 1.77
CA THR B 354 21.38 6.73 2.84
C THR B 354 19.99 6.94 2.25
N ASN B 355 18.99 6.57 3.04
CA ASN B 355 17.59 6.77 2.67
C ASN B 355 17.30 8.26 2.69
N ALA B 356 16.80 8.79 1.57
CA ALA B 356 16.47 10.21 1.50
C ALA B 356 15.03 10.43 1.04
N ASP B 357 14.13 9.52 1.40
CA ASP B 357 12.71 9.73 1.14
C ASP B 357 12.25 11.05 1.75
N PRO B 358 11.27 11.71 1.15
CA PRO B 358 10.72 12.94 1.74
C PRO B 358 9.80 12.72 2.94
N ALA B 359 9.79 11.53 3.52
CA ALA B 359 8.96 11.17 4.66
C ALA B 359 9.51 11.78 5.95
N THR B 360 8.64 11.92 6.96
CA THR B 360 9.03 12.44 8.26
C THR B 360 8.93 11.42 9.40
N ASN B 361 8.42 10.22 9.16
CA ASN B 361 8.53 9.16 10.15
C ASN B 361 9.99 8.78 10.32
N TRP B 362 10.40 8.46 11.56
CA TRP B 362 11.75 7.96 11.76
C TRP B 362 11.95 6.72 10.90
N THR B 363 13.09 6.68 10.21
CA THR B 363 13.38 5.66 9.21
C THR B 363 14.83 5.24 9.38
N LEU B 364 15.14 3.97 9.05
CA LEU B 364 16.50 3.49 9.16
C LEU B 364 17.40 4.07 8.07
N ASN B 365 18.67 4.24 8.40
CA ASN B 365 19.71 4.62 7.43
C ASN B 365 19.45 6.00 6.82
N VAL B 366 18.92 6.91 7.63
CA VAL B 366 18.68 8.29 7.20
C VAL B 366 19.75 9.18 7.81
N SER B 367 20.30 10.08 7.02
CA SER B 367 21.26 11.07 7.52
C SER B 367 20.47 12.23 8.12
N TYR B 368 20.28 12.19 9.44
CA TYR B 368 19.52 13.21 10.14
C TYR B 368 20.44 14.36 10.53
N GLU B 369 19.88 15.56 10.51
CA GLU B 369 20.56 16.78 10.94
C GLU B 369 19.89 17.32 12.20
N ALA B 370 20.67 18.03 13.01
CA ALA B 370 20.09 18.70 14.16
C ALA B 370 18.94 19.58 13.71
N GLY B 371 17.82 19.50 14.43
CA GLY B 371 16.65 20.27 14.09
C GLY B 371 15.65 19.54 13.24
N ASP B 372 16.01 18.41 12.64
CA ASP B 372 15.00 17.57 12.01
C ASP B 372 14.01 17.10 13.06
N VAL B 373 12.76 16.89 12.63
CA VAL B 373 11.74 16.34 13.50
C VAL B 373 11.25 15.03 12.88
N VAL B 374 11.25 13.95 13.69
CA VAL B 374 10.79 12.64 13.26
C VAL B 374 9.59 12.24 14.10
N THR B 375 8.77 11.35 13.54
CA THR B 375 7.66 10.74 14.27
C THR B 375 7.94 9.27 14.47
N TYR B 376 7.72 8.77 15.68
CA TYR B 376 8.05 7.38 15.99
C TYR B 376 7.13 6.90 17.11
N GLN B 377 6.40 5.83 16.84
CA GLN B 377 5.44 5.29 17.79
C GLN B 377 4.46 6.38 18.25
N GLY B 378 4.00 7.17 17.30
CA GLY B 378 3.01 8.21 17.57
C GLY B 378 3.54 9.43 18.30
N LEU B 379 4.84 9.53 18.53
CA LEU B 379 5.45 10.63 19.24
C LEU B 379 6.44 11.35 18.34
N ARG B 380 6.50 12.68 18.47
CA ARG B 380 7.44 13.48 17.70
C ARG B 380 8.71 13.74 18.51
N TYR B 381 9.84 13.75 17.82
CA TYR B 381 11.14 13.94 18.45
C TYR B 381 11.96 14.92 17.62
N LEU B 382 12.72 15.76 18.31
CA LEU B 382 13.69 16.65 17.71
C LEU B 382 15.05 15.96 17.66
N VAL B 383 15.73 16.04 16.52
CA VAL B 383 17.08 15.52 16.40
C VAL B 383 18.05 16.55 16.98
N ASN B 384 18.84 16.15 17.98
CA ASN B 384 19.81 17.04 18.59
C ASN B 384 21.21 16.91 18.00
N VAL B 385 21.56 15.73 17.52
CA VAL B 385 22.91 15.41 17.09
C VAL B 385 22.82 14.81 15.70
N PRO B 386 23.49 15.36 14.70
CA PRO B 386 23.49 14.73 13.37
C PRO B 386 24.07 13.32 13.44
N HIS B 387 23.41 12.40 12.75
CA HIS B 387 23.80 11.00 12.75
C HIS B 387 23.03 10.29 11.65
N VAL B 388 23.53 9.14 11.25
CA VAL B 388 22.81 8.24 10.37
C VAL B 388 22.07 7.23 11.24
N SER B 389 20.74 7.18 11.10
CA SER B 389 19.94 6.33 11.98
C SER B 389 20.24 4.85 11.72
N GLN B 390 20.11 4.06 12.78
CA GLN B 390 20.25 2.61 12.72
C GLN B 390 19.31 1.99 13.75
N ALA B 391 19.14 0.67 13.65
CA ALA B 391 18.04 0.00 14.33
C ALA B 391 18.11 0.16 15.85
N ASP B 392 19.31 0.17 16.40
CA ASP B 392 19.48 0.28 17.85
C ASP B 392 19.39 1.71 18.36
N TRP B 393 19.25 2.70 17.48
CA TRP B 393 19.20 4.09 17.89
C TRP B 393 17.79 4.65 17.72
N THR B 394 16.79 3.92 18.17
CA THR B 394 15.42 4.39 18.06
C THR B 394 15.22 5.64 18.94
N PRO B 395 14.39 6.59 18.52
CA PRO B 395 14.23 7.83 19.28
C PRO B 395 13.85 7.62 20.75
N ASN B 396 12.99 6.66 21.04
CA ASN B 396 12.54 6.46 22.42
C ASN B 396 13.64 5.92 23.33
N THR B 397 14.75 5.43 22.78
CA THR B 397 15.84 4.88 23.58
C THR B 397 17.11 5.74 23.53
N GLN B 398 17.07 6.89 22.85
CA GLN B 398 18.26 7.68 22.56
C GLN B 398 18.00 9.13 22.98
N ASN B 399 18.15 9.39 24.27
CA ASN B 399 17.84 10.70 24.86
C ASN B 399 18.89 11.76 24.57
N THR B 400 20.06 11.39 24.06
CA THR B 400 20.99 12.43 23.63
C THR B 400 20.80 12.75 22.15
N LEU B 401 20.66 11.72 21.30
CA LEU B 401 20.38 11.95 19.88
C LEU B 401 19.05 12.67 19.68
N PHE B 402 18.04 12.33 20.48
CA PHE B 402 16.69 12.86 20.28
C PHE B 402 16.15 13.44 21.58
N THR B 403 15.21 14.37 21.42
CA THR B 403 14.44 14.92 22.55
C THR B 403 12.98 14.90 22.15
N ALA B 404 12.14 14.24 22.95
CA ALA B 404 10.73 14.17 22.65
C ALA B 404 10.09 15.55 22.78
N LEU B 405 9.21 15.88 21.85
CA LEU B 405 8.55 17.17 21.87
C LEU B 405 7.27 17.10 22.69
C1 NAG C . -10.26 37.03 -15.06
C2 NAG C . -9.24 36.10 -14.40
C3 NAG C . -9.48 34.66 -14.81
C4 NAG C . -10.87 34.22 -14.36
C5 NAG C . -11.92 35.20 -14.89
C6 NAG C . -12.73 35.88 -13.80
C7 NAG C . -7.20 37.46 -14.12
C8 NAG C . -5.82 37.72 -14.62
N2 NAG C . -7.88 36.50 -14.76
O1 NAG C . -10.78 37.91 -14.12
O3 NAG C . -8.49 33.83 -14.20
O4 NAG C . -11.19 32.96 -14.91
O5 NAG C . -11.31 36.24 -15.68
O6 NAG C . -13.85 35.08 -13.45
O7 NAG C . -7.68 38.07 -13.18
C1 GCS C . -10.64 31.84 -14.20
C2 GCS C . -11.41 30.60 -14.67
C3 GCS C . -10.85 29.33 -14.03
C4 GCS C . -9.34 29.25 -14.20
C5 GCS C . -8.67 30.55 -13.77
C6 GCS C . -7.19 30.58 -14.06
N2 GCS C . -12.83 30.74 -14.39
O3 GCS C . -11.47 28.20 -14.63
O4 GCS C . -8.84 28.22 -13.35
O5 GCS C . -9.26 31.66 -14.46
O6 GCS C . -6.55 31.69 -13.45
C1 NAG C . -8.78 26.97 -14.03
C2 NAG C . -7.75 26.09 -13.31
C3 NAG C . -7.71 24.69 -13.91
C4 NAG C . -9.11 24.10 -13.95
C5 NAG C . -10.03 25.02 -14.72
C6 NAG C . -11.47 24.54 -14.81
C7 NAG C . -5.94 27.45 -12.37
C8 NAG C . -4.53 27.96 -12.58
N2 NAG C . -6.42 26.69 -13.35
O3 NAG C . -6.84 23.87 -13.15
O4 NAG C . -9.06 22.82 -14.59
O5 NAG C . -10.06 26.31 -14.06
O6 NAG C . -12.00 24.20 -13.53
O7 NAG C . -6.59 27.74 -11.36
C ACT D . 14.84 -20.84 7.10
O ACT D . 15.39 -19.76 7.62
OXT ACT D . 14.43 -21.04 5.92
CH3 ACT D . 14.60 -22.03 7.98
H1 ACT D . 14.06 -21.77 8.74
H2 ACT D . 15.46 -22.37 8.29
H3 ACT D . 14.15 -22.72 7.48
ZN ZN E . -12.03 -14.07 12.12
NA NA F . 5.69 -8.75 1.98
C ACT G . -12.36 18.49 -12.51
O ACT G . -12.15 19.73 -12.71
OXT ACT G . -11.53 17.48 -12.60
CH3 ACT G . -13.87 18.11 -12.15
H1 ACT G . -14.42 18.90 -12.22
H2 ACT G . -13.90 17.75 -11.25
H3 ACT G . -14.18 17.44 -12.78
C ACT H . 21.04 13.03 -9.33
O ACT H . 21.03 11.81 -9.83
OXT ACT H . 21.01 13.42 -8.12
CH3 ACT H . 21.03 14.21 -10.31
H1 ACT H . 21.00 13.89 -11.22
H2 ACT H . 21.83 14.74 -10.19
H3 ACT H . 20.25 14.78 -10.14
ZN ZN I . -6.46 17.90 -11.33
NA NA J . 8.38 5.69 -2.76
#